data_7UVQ
#
_entry.id   7UVQ
#
_cell.length_a   155.000
_cell.length_b   155.000
_cell.length_c   92.900
_cell.angle_alpha   90.000
_cell.angle_beta   90.000
_cell.angle_gamma   120.000
#
_symmetry.space_group_name_H-M   'P 62'
#
loop_
_entity.id
_entity.type
_entity.pdbx_description
1 polymer 'Gametocyte surface protein P230'
2 polymer 'Fab Kappa Light Chain'
3 polymer 'Fab Heavy Chain'
4 polymer 'Fab Heavy Chain'
5 polymer 'Fab Kappa Light Chain'
#
loop_
_entity_poly.entity_id
_entity_poly.type
_entity_poly.pdbx_seq_one_letter_code
_entity_poly.pdbx_strand_id
1 'polypeptide(L)'
;VGVDELDKIDLSYETTESGDTAVSEDSYDKYASQNTNKEYVCDFTDQLKPTESGPKVKKCEVKVNEPLIKVKIICPLKGS
VEKLYDNIEYVPKKSPYVVLTKEETKLKEKLLSKLIYGLLISPTVNEKENNFKEGVIEFTLPPVVHKATVFYFICDNSKT
EDDNKKGNRGIVEVYVEPYGGSLKENLYFQGWSHPQFEK
;
A
2 'polypeptide(L)'
;QIVLTQSPTLMSAFPGEKVTMTCSASSSVSYMYWYQQKPGSSPKPWIYLTSNLASGVPARFSGSGSGTSYSLTISSMEAE
DAATYYCQQWNNSPPTFGAGTKLELKRTVAAPSVFIFPPSDEQLKSGTASVVCLLNNFYPREAKVQWKVDNALQSGNSQE
SVTEQDSKDSTYSLSSTLTLSKADYEKHKVYACEVTHQGLSSPVTKSFNRGEC
;
B
3 'polypeptide(L)'
;DVQLQESGPGLVNPSQSLSLTCSVTGYSITSDYYWNWIRQFPGNKLEWMGYITYDGTNNYNPFFKNRISITRDTSQNQFF
LKLNSVTTEDTATYYCARDGRYWYFDVWGAGTTVTVSSASTKGPSVFPLAPSSKSTSGGTAALGCLVKDYFPEPVTVSWN
SGALTSGVHTFPAVLQSSGLYSLSSVVTVPSSSLGTQTYICNVNHKPSNTKVDKKVEPKSC
;
C
4 'polypeptide(L)'
;EVQLVENGGGLVKPGGSLRLSCAASGFTISSYGMNWVRQAPGKGLEWVSSISSGSTYKYYSDSVKGRFTISRDNAKNSLY
LQMNTLRAEDTAVYYCARAPEPGLTWFGEWGDYWGQGTLVTVSSASTKGPSVFPLAPSSKSTSGGTAALGCLVKDYFPEP
VTVSWNSGALTSGVHTFPAVLQSSGLYSLSSVVTVPSSSLGTQTYICNVNHKPSNTKVDKKVEPKSC
;
D
5 'polypeptide(L)'
;EIVLTQSPVTLSLSPGERATLSCRASLSISSSLAWYQQKPGQAPRLLIYDASNRATGIPARFSGSGSGTDFTLTISSLEP
EDFAVYYCQQRSIWPPITFGQGTRLEIKRTVAAPSVFIFPPSDEQLKSGTASVVCLLNNFYPREAKVQWKVDNALQSGNS
QESVTEQDSKDSTYSLSSTLTLSKADYEKHKVYACEVTHQGLSSPVTKSFNRGEC
;
E
#
# COMPACT_ATOMS: atom_id res chain seq x y z
N ASP A 10 15.29 -27.43 11.33
CA ASP A 10 15.66 -28.82 11.03
C ASP A 10 14.55 -29.82 11.44
N LEU A 11 13.28 -29.42 11.30
CA LEU A 11 12.13 -30.21 11.73
C LEU A 11 11.13 -30.31 10.57
N SER A 12 10.95 -31.52 10.03
CA SER A 12 9.95 -31.74 9.00
C SER A 12 9.48 -33.19 9.05
N TYR A 13 8.37 -33.45 8.39
CA TYR A 13 7.76 -34.77 8.38
C TYR A 13 7.24 -35.05 6.97
N GLU A 14 7.01 -36.32 6.66
CA GLU A 14 6.39 -36.73 5.40
C GLU A 14 4.86 -36.79 5.52
N THR A 15 4.25 -35.65 5.88
CA THR A 15 2.84 -35.38 5.62
C THR A 15 2.63 -35.43 4.12
N THR A 16 1.49 -35.96 3.70
CA THR A 16 1.02 -35.89 2.33
C THR A 16 -0.39 -35.31 2.39
N GLU A 17 -0.62 -34.22 1.67
CA GLU A 17 -1.95 -33.65 1.56
C GLU A 17 -2.27 -33.50 0.09
N SER A 18 -3.54 -33.65 -0.26
CA SER A 18 -3.92 -33.57 -1.66
C SER A 18 -4.17 -32.17 -2.13
N GLY A 19 -4.34 -31.22 -1.24
CA GLY A 19 -4.82 -29.94 -1.63
C GLY A 19 -6.31 -29.79 -1.44
N ASP A 20 -7.05 -30.90 -1.38
CA ASP A 20 -8.50 -30.96 -1.15
C ASP A 20 -8.88 -32.39 -0.77
N THR A 21 -9.21 -32.63 0.51
CA THR A 21 -9.83 -33.93 0.83
C THR A 21 -11.35 -33.94 0.60
N ALA A 22 -11.98 -32.75 0.60
CA ALA A 22 -13.33 -32.53 0.10
C ALA A 22 -13.41 -32.88 -1.39
N VAL A 23 -14.62 -33.24 -1.85
CA VAL A 23 -14.79 -33.82 -3.19
C VAL A 23 -14.59 -32.81 -4.34
N SER A 24 -14.67 -31.51 -4.05
CA SER A 24 -14.59 -30.45 -5.06
C SER A 24 -13.19 -30.35 -5.67
N GLU A 25 -13.11 -30.27 -7.01
CA GLU A 25 -11.83 -30.24 -7.74
C GLU A 25 -11.93 -29.25 -8.89
N ASP A 26 -11.21 -28.10 -8.81
CA ASP A 26 -11.20 -26.97 -9.75
C ASP A 26 -12.58 -26.30 -9.95
N SER A 27 -13.57 -26.62 -9.12
CA SER A 27 -14.73 -25.77 -8.88
C SER A 27 -14.59 -25.05 -7.53
N TYR A 28 -13.34 -24.83 -7.10
CA TYR A 28 -13.05 -24.00 -5.94
C TYR A 28 -13.49 -22.56 -6.16
N ASP A 29 -14.04 -21.94 -5.12
CA ASP A 29 -14.15 -20.49 -5.11
C ASP A 29 -12.76 -19.88 -4.98
N LYS A 30 -12.31 -19.13 -6.00
CA LYS A 30 -10.97 -18.55 -6.04
C LYS A 30 -11.01 -17.03 -5.81
N TYR A 31 -10.07 -16.51 -5.01
CA TYR A 31 -10.01 -15.11 -4.61
C TYR A 31 -8.56 -14.69 -4.46
N ALA A 32 -8.30 -13.43 -4.72
CA ALA A 32 -7.01 -12.86 -4.36
C ALA A 32 -7.00 -12.35 -2.92
N SER A 33 -5.81 -12.18 -2.37
CA SER A 33 -5.61 -11.54 -1.08
C SER A 33 -6.10 -10.08 -1.11
N GLN A 34 -6.28 -9.48 0.08
CA GLN A 34 -6.63 -8.06 0.18
C GLN A 34 -5.34 -7.31 0.35
N ASN A 35 -4.81 -6.79 -0.75
CA ASN A 35 -3.55 -6.08 -0.72
C ASN A 35 -3.67 -4.63 -0.37
N THR A 36 -3.68 -4.31 0.90
CA THR A 36 -3.39 -2.91 1.20
C THR A 36 -1.89 -2.74 1.23
N ASN A 37 -1.43 -1.51 1.50
CA ASN A 37 -0.18 -0.92 1.03
C ASN A 37 1.01 -1.79 0.67
N LYS A 38 1.54 -2.48 1.66
CA LYS A 38 2.52 -3.53 1.43
C LYS A 38 2.21 -4.74 2.31
N GLU A 39 0.93 -4.95 2.55
CA GLU A 39 0.41 -6.02 3.37
C GLU A 39 -0.65 -6.76 2.59
N TYR A 40 -0.42 -8.03 2.32
CA TYR A 40 -1.33 -8.84 1.51
C TYR A 40 -2.02 -9.82 2.45
N VAL A 41 -3.35 -9.77 2.56
CA VAL A 41 -4.02 -10.42 3.69
C VAL A 41 -5.05 -11.42 3.22
N CYS A 42 -4.90 -12.69 3.65
CA CYS A 42 -5.95 -13.71 3.54
C CYS A 42 -6.69 -13.86 4.87
N ASP A 43 -8.00 -13.58 4.85
CA ASP A 43 -8.83 -13.40 6.05
C ASP A 43 -10.00 -14.38 6.04
N PHE A 44 -9.79 -15.57 6.60
CA PHE A 44 -10.73 -16.68 6.54
C PHE A 44 -11.73 -16.69 7.67
N THR A 45 -11.87 -15.56 8.36
CA THR A 45 -12.75 -15.45 9.52
C THR A 45 -14.19 -15.82 9.16
N ASP A 46 -14.73 -15.26 8.08
CA ASP A 46 -16.12 -15.54 7.76
C ASP A 46 -16.34 -16.51 6.61
N GLN A 47 -15.39 -16.67 5.70
CA GLN A 47 -15.67 -17.48 4.51
C GLN A 47 -15.55 -18.97 4.77
N LEU A 48 -15.19 -19.38 5.99
CA LEU A 48 -15.02 -20.76 6.37
C LEU A 48 -16.09 -21.26 7.34
N LYS A 49 -16.91 -20.38 7.88
CA LYS A 49 -17.94 -20.82 8.80
C LYS A 49 -19.07 -21.48 7.97
N PRO A 50 -19.83 -22.44 8.55
CA PRO A 50 -20.64 -23.35 7.72
C PRO A 50 -21.94 -22.73 7.21
N THR A 51 -22.11 -22.70 5.89
CA THR A 51 -23.34 -22.12 5.35
C THR A 51 -24.16 -23.06 4.50
N GLU A 52 -23.60 -23.46 3.39
CA GLU A 52 -24.21 -24.51 2.59
C GLU A 52 -23.88 -25.83 3.28
N SER A 53 -24.65 -26.86 2.95
CA SER A 53 -24.46 -28.16 3.59
C SER A 53 -23.16 -28.83 3.09
N GLY A 54 -22.89 -28.75 1.79
CA GLY A 54 -21.65 -29.24 1.25
C GLY A 54 -20.51 -28.30 1.51
N PRO A 55 -19.40 -28.84 2.05
CA PRO A 55 -18.15 -28.07 2.10
C PRO A 55 -17.68 -27.75 0.70
N LYS A 56 -17.23 -26.52 0.55
CA LYS A 56 -16.59 -26.04 -0.66
C LYS A 56 -15.22 -25.47 -0.30
N VAL A 57 -14.46 -25.09 -1.30
CA VAL A 57 -13.07 -24.75 -1.06
C VAL A 57 -12.83 -23.31 -1.48
N LYS A 58 -12.36 -22.49 -0.52
CA LYS A 58 -12.06 -21.09 -0.72
C LYS A 58 -10.54 -21.00 -0.83
N LYS A 59 -10.03 -20.64 -1.99
CA LYS A 59 -8.60 -20.53 -2.24
C LYS A 59 -8.23 -19.05 -2.26
N CYS A 60 -7.14 -18.70 -1.58
CA CYS A 60 -6.69 -17.32 -1.48
C CYS A 60 -5.31 -17.22 -2.08
N GLU A 61 -5.14 -16.40 -3.12
CA GLU A 61 -3.93 -16.34 -3.95
C GLU A 61 -3.17 -15.06 -3.67
N VAL A 62 -1.93 -15.19 -3.25
CA VAL A 62 -1.09 -14.06 -2.83
C VAL A 62 0.08 -13.98 -3.81
N LYS A 63 -0.06 -13.19 -4.89
CA LYS A 63 0.95 -13.07 -5.93
C LYS A 63 1.89 -11.89 -5.62
N VAL A 64 3.20 -12.12 -5.53
CA VAL A 64 4.19 -11.15 -5.03
C VAL A 64 5.31 -10.99 -6.04
N ASN A 65 5.59 -9.76 -6.48
CA ASN A 65 6.85 -9.51 -7.19
C ASN A 65 7.59 -8.26 -6.71
N GLU A 66 7.30 -7.79 -5.52
CA GLU A 66 7.98 -6.67 -4.94
C GLU A 66 8.77 -7.09 -3.69
N PRO A 67 9.87 -6.39 -3.43
CA PRO A 67 10.52 -6.46 -2.12
C PRO A 67 9.67 -6.00 -0.94
N LEU A 68 9.78 -6.77 0.15
CA LEU A 68 9.29 -6.45 1.47
C LEU A 68 7.78 -6.40 1.50
N ILE A 69 7.14 -7.35 0.86
CA ILE A 69 5.71 -7.50 1.02
C ILE A 69 5.48 -8.36 2.26
N LYS A 70 4.73 -7.83 3.22
CA LYS A 70 4.34 -8.58 4.42
C LYS A 70 3.10 -9.37 4.09
N VAL A 71 3.08 -10.64 4.46
CA VAL A 71 1.95 -11.50 4.19
C VAL A 71 1.38 -11.91 5.53
N LYS A 72 0.09 -11.67 5.71
CA LYS A 72 -0.64 -11.94 6.94
C LYS A 72 -1.75 -12.90 6.57
N ILE A 73 -1.88 -14.00 7.31
CA ILE A 73 -2.94 -14.97 7.07
C ILE A 73 -3.69 -15.20 8.37
N ILE A 74 -5.01 -15.03 8.34
CA ILE A 74 -5.89 -15.07 9.51
C ILE A 74 -6.79 -16.29 9.41
N CYS A 75 -6.60 -17.27 10.31
CA CYS A 75 -7.56 -18.38 10.37
C CYS A 75 -8.20 -18.40 11.75
N PRO A 76 -9.52 -18.62 11.85
CA PRO A 76 -10.18 -18.61 13.16
C PRO A 76 -9.91 -19.84 14.02
N LEU A 77 -9.93 -19.61 15.32
CA LEU A 77 -9.54 -20.63 16.27
C LEU A 77 -10.70 -21.55 16.62
N LYS A 78 -10.37 -22.59 17.37
CA LYS A 78 -11.34 -23.56 17.82
C LYS A 78 -12.18 -22.88 18.88
N GLY A 79 -13.46 -22.71 18.57
CA GLY A 79 -14.41 -22.27 19.56
C GLY A 79 -14.31 -20.83 19.97
N SER A 80 -13.64 -20.01 19.17
CA SER A 80 -13.64 -18.56 19.40
C SER A 80 -15.03 -17.98 19.22
N VAL A 81 -15.89 -18.62 18.41
CA VAL A 81 -17.33 -18.49 18.48
C VAL A 81 -17.88 -19.87 18.83
N GLU A 82 -18.97 -19.87 19.62
CA GLU A 82 -19.83 -21.02 19.90
C GLU A 82 -20.22 -21.74 18.60
N LYS A 83 -19.92 -23.04 18.55
CA LYS A 83 -20.42 -24.04 17.60
C LYS A 83 -19.91 -23.98 16.17
N LEU A 84 -19.19 -22.92 15.77
CA LEU A 84 -18.95 -22.69 14.34
C LEU A 84 -17.63 -23.20 13.81
N TYR A 85 -16.59 -23.26 14.63
CA TYR A 85 -15.29 -23.71 14.20
C TYR A 85 -14.75 -24.74 15.16
N ASP A 86 -15.58 -25.74 15.47
CA ASP A 86 -15.23 -26.70 16.52
C ASP A 86 -14.15 -27.68 16.09
N ASN A 87 -13.90 -27.85 14.79
CA ASN A 87 -12.95 -28.83 14.30
C ASN A 87 -12.00 -28.26 13.24
N ILE A 88 -11.46 -27.07 13.49
CA ILE A 88 -10.53 -26.50 12.52
C ILE A 88 -9.19 -27.25 12.62
N GLU A 89 -8.54 -27.36 11.47
CA GLU A 89 -7.21 -27.91 11.29
C GLU A 89 -6.39 -26.85 10.55
N TYR A 90 -5.32 -26.36 11.18
CA TYR A 90 -4.27 -25.60 10.50
C TYR A 90 -3.13 -26.55 10.21
N VAL A 91 -2.86 -26.75 8.92
CA VAL A 91 -1.70 -27.46 8.41
C VAL A 91 -0.87 -26.48 7.58
N PRO A 92 0.44 -26.34 7.78
CA PRO A 92 1.35 -27.01 8.71
C PRO A 92 1.21 -26.38 10.07
N LYS A 93 1.38 -27.19 11.13
CA LYS A 93 1.14 -26.71 12.47
C LYS A 93 2.22 -25.74 12.88
N LYS A 94 3.47 -26.01 12.46
CA LYS A 94 4.64 -25.18 12.76
C LYS A 94 4.73 -23.90 11.88
N SER A 95 3.72 -23.63 11.04
CA SER A 95 3.77 -22.55 10.08
C SER A 95 3.66 -21.22 10.82
N PRO A 96 4.31 -20.13 10.32
CA PRO A 96 4.98 -19.80 9.04
C PRO A 96 6.37 -20.39 8.84
N TYR A 97 6.90 -21.13 9.81
CA TYR A 97 8.26 -21.65 9.70
C TYR A 97 8.30 -22.85 8.78
N VAL A 98 7.19 -23.55 8.66
CA VAL A 98 7.07 -24.76 7.85
C VAL A 98 5.97 -24.54 6.85
N VAL A 99 6.26 -24.70 5.57
CA VAL A 99 5.22 -24.46 4.59
C VAL A 99 5.07 -25.73 3.79
N LEU A 100 4.09 -25.75 2.90
CA LEU A 100 3.86 -26.89 2.04
C LEU A 100 4.22 -26.52 0.63
N THR A 101 4.82 -27.43 -0.10
CA THR A 101 5.00 -27.19 -1.52
C THR A 101 4.45 -28.39 -2.28
N LYS A 102 4.11 -28.15 -3.54
CA LYS A 102 3.42 -29.16 -4.32
C LYS A 102 4.43 -30.11 -4.93
N GLU A 103 4.27 -31.40 -4.65
CA GLU A 103 5.16 -32.46 -5.13
C GLU A 103 4.30 -33.47 -5.87
N GLU A 104 4.04 -33.24 -7.18
CA GLU A 104 3.38 -34.20 -8.08
C GLU A 104 1.98 -34.56 -7.59
N THR A 105 1.13 -33.53 -7.50
CA THR A 105 -0.28 -33.62 -7.09
C THR A 105 -0.34 -34.18 -5.66
N LYS A 106 0.54 -33.65 -4.80
CA LYS A 106 0.67 -33.95 -3.38
C LYS A 106 1.32 -32.72 -2.75
N LEU A 107 0.98 -32.45 -1.51
CA LEU A 107 1.52 -31.29 -0.82
C LEU A 107 2.34 -31.76 0.37
N LYS A 108 3.65 -31.43 0.38
CA LYS A 108 4.59 -31.97 1.37
C LYS A 108 5.39 -30.86 2.03
N GLU A 109 5.75 -31.07 3.30
CA GLU A 109 6.31 -30.00 4.11
C GLU A 109 7.74 -29.66 3.75
N LYS A 110 8.04 -28.38 3.73
CA LYS A 110 9.36 -27.83 3.47
C LYS A 110 9.65 -26.74 4.49
N LEU A 111 10.93 -26.57 4.79
CA LEU A 111 11.36 -25.50 5.68
C LEU A 111 11.38 -24.18 4.92
N LEU A 112 10.71 -23.16 5.47
CA LEU A 112 10.57 -21.91 4.74
C LEU A 112 11.88 -21.15 4.68
N SER A 113 12.70 -21.23 5.73
CA SER A 113 13.93 -20.45 5.77
C SER A 113 14.96 -20.95 4.79
N LYS A 114 15.04 -22.26 4.56
CA LYS A 114 15.85 -22.75 3.44
C LYS A 114 15.20 -22.52 2.09
N LEU A 115 13.87 -22.43 2.04
CA LEU A 115 13.18 -22.22 0.76
C LEU A 115 13.42 -20.81 0.23
N ILE A 116 13.05 -19.82 0.99
CA ILE A 116 13.36 -18.44 0.65
C ILE A 116 14.36 -17.94 1.67
N TYR A 117 15.61 -17.74 1.24
CA TYR A 117 16.58 -17.13 2.12
C TYR A 117 16.25 -15.67 2.32
N GLY A 118 16.51 -15.22 3.53
CA GLY A 118 16.33 -13.85 3.87
C GLY A 118 15.00 -13.49 4.42
N LEU A 119 14.14 -14.48 4.66
CA LEU A 119 12.77 -14.25 5.01
C LEU A 119 12.69 -13.80 6.46
N LEU A 120 11.86 -12.80 6.70
CA LEU A 120 11.78 -12.16 8.00
C LEU A 120 10.56 -12.71 8.71
N ILE A 121 10.79 -13.43 9.80
CA ILE A 121 9.73 -13.98 10.62
C ILE A 121 9.96 -13.50 12.05
N SER A 122 9.05 -12.67 12.54
CA SER A 122 9.11 -12.21 13.91
C SER A 122 8.63 -13.32 14.84
N PRO A 123 9.25 -13.50 16.01
CA PRO A 123 8.80 -14.55 16.95
C PRO A 123 7.40 -14.34 17.49
N THR A 124 7.01 -13.09 17.75
CA THR A 124 5.65 -12.76 18.15
C THR A 124 5.02 -11.98 17.01
N VAL A 125 3.84 -12.42 16.58
CA VAL A 125 3.15 -11.76 15.48
C VAL A 125 2.59 -10.41 15.94
N ASN A 126 1.91 -10.37 17.07
CA ASN A 126 1.57 -9.08 17.68
C ASN A 126 2.29 -8.93 18.98
N GLU A 127 1.85 -9.64 20.03
CA GLU A 127 2.52 -9.77 21.32
C GLU A 127 2.49 -11.25 21.60
N LYS A 128 1.47 -11.88 21.03
CA LYS A 128 1.26 -13.31 21.02
C LYS A 128 2.12 -13.95 19.94
N GLU A 129 2.39 -15.23 20.13
CA GLU A 129 3.36 -15.99 19.35
C GLU A 129 2.92 -16.13 17.89
N ASN A 130 3.88 -16.03 16.97
CA ASN A 130 3.64 -16.12 15.53
C ASN A 130 3.40 -17.56 15.13
N ASN A 131 2.16 -17.98 15.28
CA ASN A 131 1.71 -19.33 15.02
C ASN A 131 0.20 -19.28 14.94
N PHE A 132 -0.36 -20.15 14.11
CA PHE A 132 -1.82 -20.30 13.96
C PHE A 132 -2.54 -20.75 15.23
N LYS A 133 -1.80 -21.30 16.22
CA LYS A 133 -2.27 -21.43 17.61
C LYS A 133 -2.86 -20.14 18.11
N GLU A 134 -2.17 -19.03 17.91
CA GLU A 134 -2.73 -17.76 18.28
C GLU A 134 -3.67 -17.21 17.22
N GLY A 135 -3.66 -17.77 16.02
CA GLY A 135 -4.72 -17.49 15.07
C GLY A 135 -4.34 -16.58 13.92
N VAL A 136 -3.18 -15.95 13.92
CA VAL A 136 -2.66 -15.18 12.79
C VAL A 136 -1.24 -15.67 12.57
N ILE A 137 -0.85 -15.94 11.33
CA ILE A 137 0.57 -15.98 11.00
C ILE A 137 0.94 -14.82 10.07
N GLU A 138 2.23 -14.49 10.03
CA GLU A 138 2.67 -13.24 9.42
C GLU A 138 4.19 -13.32 9.13
N PHE A 139 4.58 -12.97 7.91
CA PHE A 139 5.99 -12.97 7.52
C PHE A 139 6.27 -11.92 6.46
N THR A 140 7.51 -11.44 6.37
CA THR A 140 7.85 -10.45 5.35
C THR A 140 8.84 -10.99 4.34
N LEU A 141 8.51 -10.88 3.06
CA LEU A 141 9.36 -11.42 1.99
C LEU A 141 10.62 -10.57 1.84
N PRO A 142 11.75 -11.16 1.44
CA PRO A 142 13.07 -10.46 1.53
C PRO A 142 13.26 -9.47 0.38
N PRO A 143 14.39 -8.72 0.31
CA PRO A 143 14.60 -7.86 -0.87
C PRO A 143 15.01 -8.57 -2.11
N VAL A 144 15.64 -9.75 -2.00
CA VAL A 144 16.09 -10.53 -3.16
C VAL A 144 15.48 -11.93 -3.10
N VAL A 145 14.75 -12.29 -4.14
CA VAL A 145 14.19 -13.62 -4.31
C VAL A 145 14.65 -14.10 -5.67
N HIS A 146 15.41 -15.20 -5.70
CA HIS A 146 16.13 -15.59 -6.90
C HIS A 146 15.39 -16.53 -7.85
N LYS A 147 14.77 -17.58 -7.34
CA LYS A 147 13.91 -18.45 -8.15
C LYS A 147 12.49 -18.25 -7.70
N ALA A 148 11.58 -18.28 -8.67
CA ALA A 148 10.13 -18.21 -8.46
C ALA A 148 9.69 -19.34 -7.53
N THR A 149 8.94 -19.00 -6.51
CA THR A 149 8.60 -19.98 -5.50
C THR A 149 7.09 -19.91 -5.28
N VAL A 150 6.41 -21.04 -5.14
CA VAL A 150 5.01 -21.08 -4.74
C VAL A 150 4.82 -22.04 -3.56
N PHE A 151 4.18 -21.57 -2.51
CA PHE A 151 3.99 -22.43 -1.34
C PHE A 151 2.58 -22.27 -0.78
N TYR A 152 2.17 -23.24 0.05
CA TYR A 152 0.77 -23.39 0.42
C TYR A 152 0.60 -23.44 1.94
N PHE A 153 -0.49 -22.83 2.43
CA PHE A 153 -0.93 -22.99 3.82
C PHE A 153 -2.39 -23.44 3.75
N ILE A 154 -2.82 -24.35 4.63
CA ILE A 154 -4.16 -24.94 4.54
C ILE A 154 -4.86 -24.81 5.87
N CYS A 155 -6.07 -24.28 5.87
CA CYS A 155 -6.86 -24.18 7.09
C CYS A 155 -8.26 -24.74 6.85
N ASP A 156 -8.67 -25.80 7.57
CA ASP A 156 -9.83 -26.61 7.16
C ASP A 156 -10.95 -26.70 8.20
N ASN A 157 -12.13 -26.24 7.81
CA ASN A 157 -13.31 -26.28 8.67
C ASN A 157 -14.34 -27.33 8.21
N SER A 158 -13.97 -28.29 7.36
CA SER A 158 -14.95 -29.22 6.78
C SER A 158 -15.41 -30.28 7.79
N LYS A 159 -14.57 -30.62 8.75
CA LYS A 159 -14.92 -31.55 9.81
C LYS A 159 -16.00 -30.99 10.74
N THR A 160 -16.04 -29.66 10.89
CA THR A 160 -17.04 -29.00 11.70
C THR A 160 -18.42 -29.12 11.05
N GLU A 161 -19.41 -29.59 11.82
CA GLU A 161 -20.79 -29.61 11.38
C GLU A 161 -21.66 -28.94 12.45
N ASP A 162 -22.56 -28.04 12.01
CA ASP A 162 -23.60 -27.42 12.83
C ASP A 162 -24.84 -27.24 11.98
N ASP A 163 -26.02 -27.64 12.51
CA ASP A 163 -27.33 -27.52 11.85
C ASP A 163 -27.37 -28.19 10.45
N ASN A 164 -26.67 -29.33 10.34
CA ASN A 164 -26.56 -30.15 9.11
C ASN A 164 -26.03 -29.31 7.95
N LYS A 165 -25.00 -28.53 8.28
CA LYS A 165 -24.24 -27.66 7.39
C LYS A 165 -22.79 -27.88 7.79
N LYS A 166 -21.88 -27.95 6.80
CA LYS A 166 -20.47 -28.26 7.04
C LYS A 166 -19.63 -27.08 6.58
N GLY A 167 -18.57 -26.78 7.32
CA GLY A 167 -17.75 -25.62 6.99
C GLY A 167 -16.89 -25.81 5.76
N ASN A 168 -16.32 -24.71 5.28
CA ASN A 168 -15.51 -24.71 4.07
C ASN A 168 -14.02 -24.95 4.35
N ARG A 169 -13.28 -25.28 3.30
CA ARG A 169 -11.84 -25.61 3.38
C ARG A 169 -11.02 -24.50 2.73
N GLY A 170 -9.98 -24.01 3.41
CA GLY A 170 -9.28 -22.84 2.95
C GLY A 170 -7.84 -23.16 2.59
N ILE A 171 -7.43 -22.74 1.40
CA ILE A 171 -6.06 -22.91 0.96
C ILE A 171 -5.51 -21.54 0.65
N VAL A 172 -4.30 -21.27 1.13
CA VAL A 172 -3.50 -20.14 0.68
C VAL A 172 -2.41 -20.67 -0.24
N GLU A 173 -2.34 -20.10 -1.44
CA GLU A 173 -1.23 -20.27 -2.36
C GLU A 173 -0.51 -18.96 -2.44
N VAL A 174 0.79 -18.96 -2.17
CA VAL A 174 1.65 -17.78 -2.21
C VAL A 174 2.59 -17.92 -3.39
N TYR A 175 2.48 -17.06 -4.37
CA TYR A 175 3.27 -17.18 -5.58
C TYR A 175 4.23 -15.98 -5.63
N VAL A 176 5.52 -16.23 -5.49
CA VAL A 176 6.56 -15.22 -5.53
C VAL A 176 7.30 -15.34 -6.87
N GLU A 177 7.31 -14.28 -7.65
CA GLU A 177 8.12 -14.09 -8.83
C GLU A 177 9.46 -13.52 -8.42
N PRO A 178 10.53 -13.74 -9.19
CA PRO A 178 11.84 -13.23 -8.74
C PRO A 178 11.98 -11.71 -8.87
N TYR A 179 12.81 -11.16 -7.99
CA TYR A 179 13.13 -9.73 -7.94
C TYR A 179 14.47 -9.53 -7.22
N GLY A 180 15.13 -8.42 -7.51
CA GLY A 180 16.39 -8.09 -6.83
C GLY A 180 17.67 -8.59 -7.48
N GLY A 181 17.63 -8.97 -8.74
CA GLY A 181 18.50 -10.02 -9.17
C GLY A 181 19.82 -9.65 -9.78
N SER A 182 19.80 -8.61 -10.63
CA SER A 182 20.90 -8.12 -11.48
C SER A 182 21.31 -9.07 -12.61
N LEU A 183 20.80 -10.30 -12.62
CA LEU A 183 20.98 -11.20 -13.75
C LEU A 183 19.62 -11.82 -14.08
N GLN B 1 18.83 3.44 -7.36
CA GLN B 1 19.96 3.66 -6.47
C GLN B 1 19.46 4.58 -5.37
N ILE B 2 19.01 4.01 -4.25
CA ILE B 2 18.37 4.79 -3.18
C ILE B 2 19.42 5.66 -2.52
N VAL B 3 19.17 6.95 -2.48
CA VAL B 3 20.19 7.89 -2.07
C VAL B 3 19.98 8.21 -0.60
N LEU B 4 20.95 7.83 0.22
CA LEU B 4 20.89 8.09 1.66
C LEU B 4 21.74 9.30 1.99
N THR B 5 21.09 10.39 2.43
CA THR B 5 21.74 11.67 2.67
C THR B 5 21.85 11.88 4.19
N GLN B 6 23.07 11.75 4.71
CA GLN B 6 23.32 11.65 6.14
C GLN B 6 23.70 13.02 6.67
N SER B 7 23.02 13.46 7.74
CA SER B 7 23.30 14.78 8.29
C SER B 7 23.43 14.72 9.81
N PRO B 8 24.36 15.50 10.40
CA PRO B 8 25.32 16.45 9.79
C PRO B 8 26.53 15.76 9.16
N THR B 9 27.30 16.48 8.33
CA THR B 9 28.49 15.88 7.74
C THR B 9 29.57 15.67 8.79
N LEU B 10 29.58 16.49 9.84
CA LEU B 10 30.57 16.47 10.91
C LEU B 10 29.90 17.05 12.15
N MET B 11 30.30 16.55 13.32
CA MET B 11 29.83 17.14 14.57
C MET B 11 30.81 16.91 15.70
N SER B 12 30.70 17.75 16.72
CA SER B 12 31.55 17.74 17.91
C SER B 12 30.68 17.82 19.16
N ALA B 13 30.91 16.93 20.11
CA ALA B 13 30.07 16.81 21.29
C ALA B 13 30.93 16.70 22.53
N PHE B 14 30.39 17.21 23.65
CA PHE B 14 31.02 16.99 24.94
C PHE B 14 30.62 15.60 25.43
N PRO B 15 31.42 14.98 26.31
CA PRO B 15 30.97 13.73 26.92
C PRO B 15 29.81 13.97 27.88
N GLY B 16 28.86 13.05 27.83
CA GLY B 16 27.63 13.18 28.53
C GLY B 16 26.48 13.65 27.67
N GLU B 17 26.77 14.51 26.69
CA GLU B 17 25.75 15.15 25.84
C GLU B 17 25.04 14.15 24.92
N LYS B 18 23.77 14.45 24.60
CA LYS B 18 22.95 13.58 23.76
C LYS B 18 23.11 13.96 22.29
N VAL B 19 23.34 12.97 21.43
CA VAL B 19 23.63 13.19 20.01
C VAL B 19 22.63 12.40 19.16
N THR B 20 21.99 13.07 18.19
CA THR B 20 21.11 12.42 17.22
C THR B 20 21.64 12.70 15.81
N MET B 21 21.72 11.67 14.99
CA MET B 21 22.20 11.76 13.62
C MET B 21 21.12 11.24 12.70
N THR B 22 21.00 11.85 11.54
CA THR B 22 19.90 11.54 10.67
C THR B 22 20.43 11.03 9.33
N CYS B 23 19.52 10.39 8.60
CA CYS B 23 19.80 9.77 7.31
C CYS B 23 18.49 9.87 6.55
N SER B 24 18.54 10.49 5.37
CA SER B 24 17.37 10.81 4.54
C SER B 24 17.39 9.96 3.28
N ALA B 25 16.53 8.94 3.26
CA ALA B 25 16.40 8.12 2.07
C ALA B 25 15.60 8.85 1.02
N SER B 26 16.01 8.72 -0.24
CA SER B 26 15.28 9.35 -1.32
C SER B 26 13.95 8.67 -1.65
N SER B 27 13.63 7.52 -1.05
CA SER B 27 12.31 6.94 -1.17
C SER B 27 12.02 6.07 0.06
N SER B 28 10.84 5.44 0.05
CA SER B 28 10.30 4.73 1.20
C SER B 28 11.08 3.45 1.41
N VAL B 29 11.74 3.29 2.58
CA VAL B 29 12.42 2.05 2.92
C VAL B 29 11.87 1.52 4.25
N SER B 30 11.85 0.20 4.38
CA SER B 30 11.09 -0.44 5.44
C SER B 30 11.88 -0.59 6.71
N TYR B 31 13.20 -0.52 6.60
CA TYR B 31 14.16 -0.68 7.69
C TYR B 31 15.47 -0.05 7.33
N MET B 32 16.11 0.58 8.32
CA MET B 32 17.45 1.13 8.13
C MET B 32 18.45 0.36 8.98
N TYR B 33 19.64 0.20 8.44
CA TYR B 33 20.77 -0.41 9.10
C TYR B 33 21.79 0.68 9.40
N TRP B 34 22.60 0.47 10.44
CA TRP B 34 23.63 1.42 10.83
C TRP B 34 24.91 0.71 11.26
N TYR B 35 26.05 1.31 10.91
CA TYR B 35 27.39 0.80 11.21
C TYR B 35 28.26 1.92 11.76
N GLN B 36 29.21 1.57 12.65
CA GLN B 36 30.31 2.44 13.11
C GLN B 36 31.63 1.96 12.52
N GLN B 37 32.38 2.88 11.92
CA GLN B 37 33.77 2.65 11.55
C GLN B 37 34.63 3.60 12.35
N LYS B 38 35.50 3.04 13.19
CA LYS B 38 36.64 3.78 13.69
C LYS B 38 37.69 3.80 12.59
N PRO B 39 38.57 4.79 12.58
CA PRO B 39 39.66 4.78 11.60
C PRO B 39 40.64 3.65 11.87
N GLY B 40 40.99 2.96 10.79
CA GLY B 40 41.94 1.86 10.85
C GLY B 40 41.37 0.55 11.31
N SER B 41 40.16 0.21 10.87
CA SER B 41 39.43 -0.93 11.40
C SER B 41 38.26 -1.22 10.46
N SER B 42 37.57 -2.34 10.72
CA SER B 42 36.37 -2.66 9.97
C SER B 42 35.24 -1.76 10.43
N PRO B 43 34.17 -1.61 9.59
CA PRO B 43 32.92 -1.07 10.12
C PRO B 43 32.23 -2.14 10.93
N LYS B 44 32.24 -2.03 12.26
CA LYS B 44 31.49 -2.98 13.05
C LYS B 44 30.01 -2.69 12.87
N PRO B 45 29.16 -3.71 12.81
CA PRO B 45 27.74 -3.43 12.65
C PRO B 45 27.05 -3.14 13.99
N TRP B 46 26.29 -2.04 14.02
CA TRP B 46 25.74 -1.50 15.25
C TRP B 46 24.23 -1.67 15.36
N ILE B 47 23.45 -1.29 14.35
CA ILE B 47 22.00 -1.37 14.39
C ILE B 47 21.52 -2.20 13.20
N TYR B 48 20.67 -3.17 13.47
CA TYR B 48 19.98 -3.88 12.40
C TYR B 48 18.47 -3.84 12.62
N LEU B 49 17.70 -3.78 11.50
CA LEU B 49 16.23 -3.84 11.47
C LEU B 49 15.63 -2.70 12.27
N THR B 50 16.26 -1.54 12.14
CA THR B 50 15.92 -0.19 12.62
C THR B 50 16.03 -0.01 14.14
N SER B 51 15.81 -1.08 14.88
CA SER B 51 15.65 -1.09 16.33
C SER B 51 16.63 -2.03 17.00
N ASN B 52 16.84 -3.21 16.42
CA ASN B 52 17.66 -4.24 17.04
C ASN B 52 19.14 -3.84 16.99
N LEU B 53 19.84 -4.24 18.01
CA LEU B 53 21.23 -3.90 18.14
C LEU B 53 21.97 -5.21 18.12
N ALA B 54 23.05 -5.23 17.33
CA ALA B 54 23.94 -6.39 17.28
C ALA B 54 24.68 -6.45 18.60
N SER B 55 25.00 -7.67 19.05
CA SER B 55 25.60 -7.79 20.37
C SER B 55 27.05 -7.35 20.33
N GLY B 56 27.48 -6.70 21.43
CA GLY B 56 28.68 -5.93 21.45
C GLY B 56 28.45 -4.44 21.33
N VAL B 57 27.20 -3.99 21.44
CA VAL B 57 26.82 -2.59 21.30
C VAL B 57 26.17 -2.15 22.59
N PRO B 58 26.58 -1.00 23.18
CA PRO B 58 25.95 -0.52 24.42
C PRO B 58 24.49 -0.11 24.22
N ALA B 59 23.75 -0.23 25.33
CA ALA B 59 22.31 0.04 25.39
C ALA B 59 21.95 1.51 25.33
N ARG B 60 22.92 2.43 25.46
CA ARG B 60 22.65 3.86 25.26
C ARG B 60 22.36 4.18 23.81
N PHE B 61 22.91 3.37 22.91
CA PHE B 61 22.70 3.52 21.48
C PHE B 61 21.27 3.18 21.09
N SER B 62 20.73 3.92 20.13
CA SER B 62 19.36 3.66 19.71
C SER B 62 19.26 3.99 18.25
N GLY B 63 18.37 3.28 17.57
CA GLY B 63 18.00 3.62 16.20
C GLY B 63 16.49 3.72 16.11
N SER B 64 16.04 4.51 15.14
CA SER B 64 14.62 4.87 15.07
C SER B 64 14.28 5.49 13.72
N GLY B 65 13.09 5.24 13.27
CA GLY B 65 12.58 6.05 12.18
C GLY B 65 11.62 5.25 11.34
N SER B 66 11.16 5.88 10.27
CA SER B 66 10.26 5.26 9.30
C SER B 66 10.33 6.08 8.01
N GLY B 67 9.80 5.48 6.93
CA GLY B 67 9.55 6.23 5.72
C GLY B 67 10.77 6.64 4.91
N THR B 68 11.13 7.91 5.01
CA THR B 68 12.38 8.43 4.49
C THR B 68 13.31 8.95 5.57
N SER B 69 12.85 9.03 6.82
CA SER B 69 13.59 9.65 7.91
C SER B 69 14.04 8.59 8.91
N TYR B 70 15.37 8.48 9.09
CA TYR B 70 15.90 7.58 10.10
C TYR B 70 16.98 8.32 10.89
N SER B 71 17.23 7.86 12.12
CA SER B 71 18.12 8.54 13.06
C SER B 71 18.74 7.54 14.02
N LEU B 72 19.88 7.95 14.55
CA LEU B 72 20.64 7.26 15.56
C LEU B 72 20.80 8.19 16.74
N THR B 73 20.42 7.76 17.93
CA THR B 73 20.55 8.61 19.12
C THR B 73 21.39 7.91 20.18
N ILE B 74 22.43 8.62 20.65
CA ILE B 74 23.19 8.27 21.85
C ILE B 74 22.73 9.18 23.00
N SER B 75 22.32 8.57 24.12
CA SER B 75 21.85 9.31 25.28
C SER B 75 23.01 9.88 26.10
N SER B 76 24.14 9.18 26.11
CA SER B 76 25.35 9.52 26.86
C SER B 76 26.53 9.44 25.91
N MET B 77 27.08 10.57 25.47
CA MET B 77 28.27 10.54 24.64
C MET B 77 29.46 10.15 25.51
N GLU B 78 30.25 9.19 25.04
CA GLU B 78 31.43 8.71 25.75
C GLU B 78 32.61 8.84 24.80
N ALA B 79 33.82 8.65 25.32
CA ALA B 79 35.03 8.74 24.50
C ALA B 79 35.09 7.64 23.45
N GLU B 80 34.64 6.43 23.82
CA GLU B 80 34.70 5.28 22.92
C GLU B 80 33.76 5.43 21.73
N ASP B 81 32.73 6.25 21.86
CA ASP B 81 31.71 6.35 20.82
C ASP B 81 32.12 7.30 19.69
N ALA B 82 33.32 7.89 19.76
CA ALA B 82 33.83 8.84 18.77
C ALA B 82 34.38 8.11 17.56
N ALA B 83 33.54 7.95 16.53
CA ALA B 83 33.89 7.36 15.24
C ALA B 83 32.88 7.86 14.20
N THR B 84 32.98 7.34 12.97
CA THR B 84 32.06 7.76 11.90
C THR B 84 30.95 6.73 11.69
N TYR B 85 29.71 7.20 11.52
CA TYR B 85 28.53 6.33 11.48
C TYR B 85 27.87 6.40 10.10
N TYR B 86 27.68 5.22 9.51
CA TYR B 86 27.13 5.04 8.16
C TYR B 86 25.71 4.48 8.29
N CYS B 87 24.78 4.92 7.44
CA CYS B 87 23.52 4.19 7.31
C CYS B 87 23.55 3.35 6.03
N GLN B 88 22.74 2.29 6.02
CA GLN B 88 22.62 1.38 4.88
C GLN B 88 21.18 0.94 4.72
N GLN B 89 20.65 0.99 3.51
CA GLN B 89 19.40 0.32 3.26
C GLN B 89 19.59 -0.95 2.44
N TRP B 90 18.63 -1.87 2.59
CA TRP B 90 18.39 -2.92 1.61
C TRP B 90 16.90 -3.09 1.40
N ASN B 91 16.19 -1.98 1.15
CA ASN B 91 14.81 -2.13 0.73
C ASN B 91 14.77 -2.77 -0.64
N ASN B 92 15.54 -2.23 -1.57
CA ASN B 92 15.71 -2.89 -2.84
C ASN B 92 17.17 -2.84 -3.28
N SER B 93 17.52 -3.85 -4.06
CA SER B 93 18.86 -4.00 -4.61
C SER B 93 19.15 -2.86 -5.58
N PRO B 94 20.38 -2.32 -5.59
CA PRO B 94 21.51 -2.70 -4.75
C PRO B 94 21.49 -1.97 -3.41
N PRO B 95 22.09 -2.56 -2.39
CA PRO B 95 22.18 -1.87 -1.10
C PRO B 95 23.09 -0.66 -1.22
N THR B 96 22.61 0.46 -0.77
CA THR B 96 23.38 1.68 -0.83
C THR B 96 23.77 2.07 0.57
N PHE B 97 24.73 2.98 0.65
CA PHE B 97 25.23 3.48 1.91
C PHE B 97 25.14 5.00 1.90
N GLY B 98 25.07 5.56 3.09
CA GLY B 98 25.27 6.99 3.24
C GLY B 98 26.75 7.35 3.30
N ALA B 99 27.02 8.66 3.26
CA ALA B 99 28.39 9.14 3.22
C ALA B 99 29.05 9.20 4.60
N GLY B 100 28.25 9.20 5.66
CA GLY B 100 28.81 9.13 6.98
C GLY B 100 28.61 10.43 7.74
N THR B 101 28.55 10.32 9.06
CA THR B 101 28.53 11.46 9.97
C THR B 101 29.73 11.29 10.90
N LYS B 102 30.70 12.20 10.82
CA LYS B 102 31.92 12.08 11.61
C LYS B 102 31.74 12.69 13.00
N LEU B 103 31.95 11.88 14.03
CA LEU B 103 31.76 12.30 15.42
C LEU B 103 33.11 12.45 16.15
N GLU B 104 33.27 13.56 16.88
CA GLU B 104 34.49 13.94 17.58
C GLU B 104 34.20 14.15 19.06
N LEU B 105 35.26 14.14 19.85
CA LEU B 105 35.15 14.44 21.26
C LEU B 105 35.78 15.82 21.53
N LYS B 106 35.13 16.63 22.37
CA LYS B 106 35.50 18.03 22.55
C LYS B 106 36.18 18.25 23.91
N ARG B 107 37.42 18.76 23.89
CA ARG B 107 38.22 19.03 25.08
C ARG B 107 38.70 20.48 25.05
N THR B 108 38.34 21.25 26.07
CA THR B 108 38.70 22.68 26.13
C THR B 108 40.20 22.87 26.30
N VAL B 109 40.84 21.99 27.08
CA VAL B 109 42.26 22.15 27.42
C VAL B 109 43.12 21.88 26.20
N ALA B 110 43.94 22.85 25.84
CA ALA B 110 44.88 22.72 24.73
C ALA B 110 46.25 23.10 25.24
N ALA B 111 47.22 22.21 25.07
CA ALA B 111 48.61 22.49 25.42
C ALA B 111 49.49 22.24 24.20
N PRO B 112 49.50 23.15 23.21
CA PRO B 112 50.31 22.88 22.00
C PRO B 112 51.80 23.06 22.30
N SER B 113 52.60 22.09 21.85
CA SER B 113 54.05 22.14 21.91
C SER B 113 54.63 22.07 20.50
N VAL B 114 55.41 23.07 20.12
CA VAL B 114 55.92 23.22 18.75
C VAL B 114 57.40 22.85 18.76
N PHE B 115 57.78 21.83 17.99
CA PHE B 115 59.16 21.37 17.89
C PHE B 115 59.63 21.43 16.44
N ILE B 116 60.88 21.84 16.25
CA ILE B 116 61.40 22.17 14.93
C ILE B 116 62.51 21.20 14.55
N PHE B 117 62.53 20.77 13.28
CA PHE B 117 63.54 19.80 12.85
C PHE B 117 64.17 20.21 11.53
N PRO B 118 65.48 20.47 11.52
CA PRO B 118 66.18 20.82 10.25
C PRO B 118 66.35 19.59 9.36
N PRO B 119 66.66 19.78 8.07
CA PRO B 119 66.98 18.62 7.23
C PRO B 119 68.29 17.93 7.63
N SER B 120 68.34 16.64 7.38
CA SER B 120 69.51 15.84 7.70
C SER B 120 70.69 16.16 6.79
N ASP B 121 71.91 15.91 7.30
CA ASP B 121 73.11 16.05 6.49
C ASP B 121 73.16 14.99 5.39
N GLU B 122 72.61 13.81 5.67
CA GLU B 122 72.48 12.76 4.67
C GLU B 122 71.50 13.16 3.57
N GLN B 123 70.44 13.87 3.96
CA GLN B 123 69.48 14.40 3.01
C GLN B 123 70.10 15.47 2.12
N LEU B 124 70.92 16.35 2.72
CA LEU B 124 71.65 17.37 1.99
C LEU B 124 72.70 16.76 1.05
N LYS B 125 73.27 15.61 1.45
CA LYS B 125 74.14 14.81 0.56
C LYS B 125 73.34 14.24 -0.63
N SER B 126 72.06 13.91 -0.40
CA SER B 126 71.15 13.44 -1.46
C SER B 126 70.63 14.55 -2.40
N GLY B 127 71.00 15.81 -2.19
CA GLY B 127 70.59 16.87 -3.10
C GLY B 127 69.22 17.42 -2.79
N THR B 128 68.74 17.22 -1.57
CA THR B 128 67.39 17.55 -1.16
C THR B 128 67.42 18.19 0.23
N ALA B 129 66.44 19.05 0.51
CA ALA B 129 66.38 19.68 1.83
C ALA B 129 64.92 19.78 2.21
N SER B 130 64.46 18.89 3.09
CA SER B 130 63.10 18.94 3.63
C SER B 130 63.18 19.34 5.10
N VAL B 131 62.51 20.44 5.42
CA VAL B 131 62.44 20.98 6.78
C VAL B 131 61.09 20.61 7.39
N VAL B 132 61.12 20.13 8.64
CA VAL B 132 59.94 19.61 9.31
C VAL B 132 59.56 20.55 10.45
N CYS B 133 58.30 20.97 10.49
CA CYS B 133 57.80 21.73 11.64
C CYS B 133 56.69 20.90 12.28
N LEU B 134 56.72 20.76 13.61
CA LEU B 134 55.82 19.86 14.34
C LEU B 134 54.95 20.60 15.36
N LEU B 135 53.66 20.27 15.38
CA LEU B 135 52.68 20.78 16.34
C LEU B 135 52.10 19.60 17.14
N ASN B 136 52.21 19.64 18.49
CA ASN B 136 51.80 18.53 19.34
C ASN B 136 50.77 18.93 20.40
N ASN B 137 49.82 18.01 20.63
CA ASN B 137 48.85 18.04 21.74
C ASN B 137 47.94 19.27 21.73
N PHE B 138 47.30 19.54 20.58
CA PHE B 138 46.50 20.74 20.39
C PHE B 138 45.06 20.46 19.99
N TYR B 139 44.12 21.32 20.42
CA TYR B 139 42.73 21.20 19.98
C TYR B 139 42.17 22.62 19.90
N PRO B 140 41.41 23.01 18.83
CA PRO B 140 40.80 22.32 17.69
C PRO B 140 41.74 22.01 16.52
N ARG B 141 41.16 21.64 15.37
CA ARG B 141 41.93 21.17 14.23
C ARG B 141 42.51 22.33 13.41
N GLU B 142 42.04 23.55 13.62
CA GLU B 142 42.45 24.71 12.84
C GLU B 142 43.76 25.28 13.37
N ALA B 143 44.82 25.20 12.57
CA ALA B 143 46.07 25.91 12.86
C ALA B 143 46.73 26.26 11.53
N LYS B 144 47.07 27.55 11.37
CA LYS B 144 47.71 28.03 10.15
C LYS B 144 49.23 28.01 10.34
N VAL B 145 49.91 27.41 9.36
CA VAL B 145 51.36 27.24 9.39
C VAL B 145 51.92 28.01 8.21
N GLN B 146 52.88 28.88 8.47
CA GLN B 146 53.50 29.66 7.41
C GLN B 146 55.01 29.52 7.51
N TRP B 147 55.66 29.33 6.37
CA TRP B 147 57.11 29.21 6.31
C TRP B 147 57.74 30.53 5.88
N LYS B 148 58.83 30.91 6.57
CA LYS B 148 59.61 32.08 6.20
C LYS B 148 61.08 31.73 6.04
N VAL B 149 61.69 32.21 4.95
CA VAL B 149 63.12 32.01 4.63
C VAL B 149 63.77 33.40 4.54
N ASP B 150 64.57 33.75 5.56
CA ASP B 150 65.17 35.10 5.76
C ASP B 150 64.14 36.24 5.71
N ASN B 151 63.05 36.07 6.47
CA ASN B 151 61.88 36.97 6.55
C ASN B 151 61.21 37.19 5.17
N ALA B 152 60.74 36.08 4.57
CA ALA B 152 60.12 36.10 3.25
C ALA B 152 59.11 34.95 3.12
N LEU B 153 57.91 35.24 2.62
CA LEU B 153 56.83 34.26 2.61
C LEU B 153 57.02 33.25 1.48
N GLN B 154 56.45 32.07 1.70
CA GLN B 154 56.56 30.95 0.77
C GLN B 154 55.23 30.78 0.05
N SER B 155 55.30 30.65 -1.27
CA SER B 155 54.14 30.65 -2.15
C SER B 155 53.90 29.25 -2.72
N GLY B 156 53.50 28.33 -1.86
CA GLY B 156 53.12 27.02 -2.34
C GLY B 156 54.29 26.11 -2.65
N ASN B 157 55.18 25.94 -1.68
CA ASN B 157 56.20 24.92 -1.77
C ASN B 157 56.17 23.96 -0.57
N SER B 158 55.26 24.16 0.37
CA SER B 158 55.14 23.38 1.58
C SER B 158 53.84 22.61 1.52
N GLN B 159 53.84 21.38 2.01
CA GLN B 159 52.59 20.63 2.17
C GLN B 159 52.53 20.07 3.60
N GLU B 160 51.32 20.04 4.16
CA GLU B 160 51.15 19.70 5.57
C GLU B 160 50.25 18.47 5.69
N SER B 161 50.25 17.91 6.91
CA SER B 161 49.52 16.69 7.20
C SER B 161 48.99 16.76 8.62
N VAL B 162 47.76 16.28 8.82
CA VAL B 162 47.04 16.37 10.08
C VAL B 162 46.80 14.96 10.57
N THR B 163 47.05 14.71 11.85
CA THR B 163 46.62 13.45 12.42
C THR B 163 45.14 13.48 12.77
N GLU B 164 44.64 12.30 13.10
CA GLU B 164 43.34 12.07 13.68
C GLU B 164 43.43 12.29 15.19
N GLN B 165 42.31 12.10 15.87
CA GLN B 165 42.21 12.34 17.30
C GLN B 165 42.87 11.21 18.08
N ASP B 166 43.74 11.56 19.03
CA ASP B 166 44.33 10.55 19.90
C ASP B 166 43.27 10.06 20.88
N SER B 167 43.29 8.78 21.22
CA SER B 167 42.29 8.28 22.14
C SER B 167 42.60 8.62 23.59
N LYS B 168 43.88 8.85 23.88
CA LYS B 168 44.35 9.05 25.26
C LYS B 168 43.89 10.39 25.80
N ASP B 169 44.09 11.47 25.04
CA ASP B 169 43.85 12.82 25.51
C ASP B 169 42.93 13.63 24.63
N SER B 170 42.46 13.07 23.50
CA SER B 170 41.61 13.72 22.49
C SER B 170 42.25 14.96 21.87
N THR B 171 43.58 14.94 21.74
CA THR B 171 44.33 16.03 21.16
C THR B 171 44.86 15.58 19.80
N TYR B 172 45.52 16.48 19.09
CA TYR B 172 45.95 16.23 17.73
C TYR B 172 47.43 16.55 17.59
N SER B 173 47.98 16.18 16.43
CA SER B 173 49.33 16.52 16.03
C SER B 173 49.28 16.94 14.57
N LEU B 174 50.18 17.84 14.16
CA LEU B 174 50.24 18.33 12.78
C LEU B 174 51.70 18.47 12.36
N SER B 175 51.98 18.13 11.10
CA SER B 175 53.32 18.24 10.52
C SER B 175 53.28 19.11 9.28
N SER B 176 54.32 19.92 9.08
CA SER B 176 54.48 20.71 7.86
C SER B 176 55.82 20.39 7.26
N THR B 177 55.81 19.87 6.03
CA THR B 177 57.02 19.53 5.30
C THR B 177 57.25 20.58 4.24
N LEU B 178 58.38 21.25 4.33
CA LEU B 178 58.88 22.09 3.24
C LEU B 178 59.89 21.28 2.45
N THR B 179 59.52 20.95 1.20
CA THR B 179 60.31 20.15 0.27
C THR B 179 61.12 21.11 -0.59
N LEU B 180 62.45 20.98 -0.58
CA LEU B 180 63.29 21.90 -1.34
C LEU B 180 64.44 21.18 -2.04
N SER B 181 65.04 21.90 -2.96
CA SER B 181 66.26 21.47 -3.62
C SER B 181 67.42 22.07 -2.84
N LYS B 182 68.63 21.81 -3.30
CA LYS B 182 69.85 22.12 -2.57
C LYS B 182 70.39 23.53 -2.77
N ALA B 183 70.31 24.09 -3.99
CA ALA B 183 70.89 25.41 -4.29
C ALA B 183 70.10 26.60 -3.74
N ASP B 184 68.79 26.50 -3.57
CA ASP B 184 68.04 27.56 -2.92
C ASP B 184 68.01 27.41 -1.41
N TYR B 185 68.43 26.25 -0.89
CA TYR B 185 68.51 26.08 0.55
C TYR B 185 69.80 26.66 1.11
N GLU B 186 70.94 26.26 0.56
CA GLU B 186 72.23 26.65 1.13
C GLU B 186 72.68 28.06 0.77
N LYS B 187 71.85 28.84 0.06
CA LYS B 187 72.08 30.27 -0.10
C LYS B 187 71.30 31.12 0.91
N HIS B 188 70.63 30.51 1.89
CA HIS B 188 70.05 31.23 3.01
C HIS B 188 70.41 30.54 4.32
N LYS B 189 70.52 31.34 5.39
CA LYS B 189 70.98 30.86 6.70
C LYS B 189 69.85 30.71 7.71
N VAL B 190 69.04 31.75 7.91
CA VAL B 190 68.06 31.78 8.99
C VAL B 190 66.70 31.36 8.45
N TYR B 191 66.06 30.40 9.11
CA TYR B 191 64.74 29.89 8.73
C TYR B 191 63.76 29.95 9.91
N ALA B 192 62.48 30.24 9.62
CA ALA B 192 61.48 30.42 10.67
C ALA B 192 60.15 29.76 10.30
N CYS B 193 59.46 29.27 11.34
CA CYS B 193 58.15 28.60 11.25
C CYS B 193 57.14 29.42 12.05
N GLU B 194 55.97 29.65 11.45
CA GLU B 194 54.90 30.49 11.98
C GLU B 194 53.68 29.65 12.34
N VAL B 195 53.28 29.70 13.61
CA VAL B 195 52.10 29.00 14.10
C VAL B 195 51.07 30.04 14.51
N THR B 196 49.93 30.04 13.83
CA THR B 196 48.78 30.84 14.25
C THR B 196 47.68 29.84 14.62
N HIS B 197 47.31 29.82 15.89
CA HIS B 197 46.38 28.84 16.42
C HIS B 197 45.53 29.57 17.45
N GLN B 198 44.29 29.11 17.62
CA GLN B 198 43.31 29.82 18.45
C GLN B 198 43.66 29.75 19.94
N GLY B 199 44.24 28.64 20.38
CA GLY B 199 44.66 28.36 21.74
C GLY B 199 45.99 28.94 22.17
N LEU B 200 46.71 29.65 21.30
CA LEU B 200 47.98 30.32 21.61
C LEU B 200 47.74 31.71 22.19
N SER B 201 48.69 32.14 23.03
CA SER B 201 48.63 33.48 23.59
C SER B 201 49.23 34.52 22.64
N SER B 202 50.25 34.16 21.86
CA SER B 202 50.79 34.94 20.75
C SER B 202 51.21 33.94 19.69
N PRO B 203 51.16 34.30 18.38
CA PRO B 203 51.55 33.35 17.33
C PRO B 203 53.04 33.02 17.40
N VAL B 204 53.33 31.73 17.43
CA VAL B 204 54.66 31.26 17.81
C VAL B 204 55.58 31.23 16.59
N THR B 205 56.67 31.99 16.66
CA THR B 205 57.72 32.03 15.66
C THR B 205 58.88 31.20 16.19
N LYS B 206 59.35 30.24 15.40
CA LYS B 206 60.48 29.42 15.83
C LYS B 206 61.55 29.37 14.73
N SER B 207 62.81 29.65 15.09
CA SER B 207 63.85 29.85 14.10
C SER B 207 65.03 28.91 14.32
N PHE B 208 65.88 28.80 13.29
CA PHE B 208 67.20 28.16 13.39
C PHE B 208 68.11 28.75 12.31
N ASN B 209 69.42 28.61 12.51
CA ASN B 209 70.43 29.03 11.55
C ASN B 209 71.04 27.82 10.85
N ARG B 210 71.28 27.94 9.54
CA ARG B 210 71.67 26.77 8.74
C ARG B 210 73.10 26.35 9.05
N GLY B 211 73.30 25.04 9.18
CA GLY B 211 74.62 24.49 9.36
C GLY B 211 75.14 24.54 10.77
N GLU B 212 75.21 25.74 11.37
CA GLU B 212 75.68 25.87 12.74
C GLU B 212 74.63 25.40 13.73
N CYS B 213 73.36 25.74 13.51
CA CYS B 213 72.25 25.16 14.25
C CYS B 213 71.48 24.19 13.34
N ASP C 1 32.70 -18.50 15.96
CA ASP C 1 33.15 -17.25 15.36
C ASP C 1 33.84 -17.53 14.02
N VAL C 2 33.49 -16.71 13.03
CA VAL C 2 34.00 -16.83 11.68
C VAL C 2 35.02 -15.73 11.49
N GLN C 3 36.10 -16.02 10.77
CA GLN C 3 37.12 -15.02 10.53
C GLN C 3 37.37 -14.96 9.04
N LEU C 4 37.49 -13.76 8.53
CA LEU C 4 37.73 -13.50 7.12
C LEU C 4 39.04 -12.75 6.96
N GLN C 5 39.60 -12.85 5.76
CA GLN C 5 40.90 -12.30 5.40
C GLN C 5 40.85 -11.81 3.96
N GLU C 6 41.66 -10.78 3.63
CA GLU C 6 41.75 -10.32 2.26
C GLU C 6 43.21 -10.35 1.75
N SER C 7 43.43 -10.77 0.49
CA SER C 7 44.79 -10.94 -0.04
C SER C 7 45.43 -9.61 -0.44
N GLY C 8 46.70 -9.64 -0.80
CA GLY C 8 47.49 -8.41 -0.89
C GLY C 8 48.12 -7.87 -2.19
N PRO C 9 47.39 -7.81 -3.39
CA PRO C 9 47.89 -6.95 -4.50
C PRO C 9 47.60 -5.46 -4.33
N GLY C 10 48.59 -4.74 -3.79
CA GLY C 10 48.45 -3.32 -3.49
C GLY C 10 48.46 -2.36 -4.67
N LEU C 11 49.16 -2.69 -5.75
CA LEU C 11 49.24 -1.82 -6.93
C LEU C 11 48.83 -2.58 -8.20
N VAL C 12 47.82 -2.08 -8.88
CA VAL C 12 47.52 -2.48 -10.26
C VAL C 12 47.62 -1.23 -11.13
N ASN C 13 48.32 -1.34 -12.26
CA ASN C 13 48.30 -0.25 -13.23
C ASN C 13 46.96 -0.30 -13.98
N PRO C 14 46.49 0.83 -14.52
CA PRO C 14 45.19 0.82 -15.21
C PRO C 14 45.24 0.09 -16.55
N SER C 15 44.03 -0.16 -17.09
CA SER C 15 43.70 -1.11 -18.16
C SER C 15 44.25 -2.52 -17.88
N GLN C 16 44.29 -2.92 -16.62
CA GLN C 16 44.67 -4.27 -16.25
C GLN C 16 43.51 -4.81 -15.42
N SER C 17 43.51 -6.12 -15.22
CA SER C 17 42.49 -6.76 -14.42
C SER C 17 42.91 -6.74 -12.95
N LEU C 18 41.94 -6.59 -12.04
CA LEU C 18 42.19 -6.69 -10.60
C LEU C 18 41.48 -7.90 -10.00
N SER C 19 42.25 -8.75 -9.28
CA SER C 19 41.78 -9.97 -8.62
C SER C 19 42.11 -9.90 -7.15
N LEU C 20 41.15 -10.25 -6.30
CA LEU C 20 41.39 -10.31 -4.87
C LEU C 20 40.79 -11.57 -4.26
N THR C 21 41.36 -12.00 -3.16
CA THR C 21 41.02 -13.25 -2.52
C THR C 21 40.52 -12.90 -1.12
N CYS C 22 39.36 -13.39 -0.76
CA CYS C 22 38.95 -13.40 0.62
C CYS C 22 39.03 -14.84 1.09
N SER C 23 39.82 -15.06 2.12
CA SER C 23 39.99 -16.35 2.74
C SER C 23 39.18 -16.41 4.03
N VAL C 24 38.42 -17.49 4.24
CA VAL C 24 37.53 -17.66 5.39
C VAL C 24 38.03 -18.82 6.23
N THR C 25 38.00 -18.68 7.54
CA THR C 25 38.20 -19.85 8.39
C THR C 25 37.17 -19.84 9.52
N GLY C 26 36.93 -21.02 10.07
CA GLY C 26 36.06 -21.15 11.20
C GLY C 26 34.64 -21.54 10.85
N TYR C 27 34.26 -21.42 9.58
CA TYR C 27 32.92 -21.73 9.14
C TYR C 27 32.94 -22.05 7.66
N SER C 28 32.13 -23.01 7.26
CA SER C 28 32.14 -23.46 5.89
C SER C 28 31.36 -22.53 5.00
N ILE C 29 32.03 -22.11 3.93
CA ILE C 29 31.55 -21.18 2.90
C ILE C 29 30.33 -21.71 2.09
N THR C 30 29.92 -22.98 2.30
CA THR C 30 28.84 -23.62 1.59
C THR C 30 27.66 -23.93 2.51
N SER C 31 27.69 -23.48 3.75
CA SER C 31 26.57 -23.61 4.64
C SER C 31 25.96 -22.22 4.85
N ASP C 32 24.70 -22.04 4.50
CA ASP C 32 23.83 -20.98 5.06
C ASP C 32 24.17 -19.48 5.00
N TYR C 33 25.25 -19.04 4.36
CA TYR C 33 25.42 -17.58 4.40
C TYR C 33 25.65 -17.01 3.02
N TYR C 34 25.62 -15.69 2.96
CA TYR C 34 25.88 -14.99 1.72
C TYR C 34 27.19 -14.22 1.89
N TRP C 35 27.97 -14.12 0.83
CA TRP C 35 29.41 -13.84 1.00
C TRP C 35 29.76 -12.66 0.09
N ASN C 36 29.78 -11.46 0.68
CA ASN C 36 29.83 -10.16 0.02
C ASN C 36 31.24 -9.58 -0.11
N TRP C 37 31.37 -8.69 -1.11
CA TRP C 37 32.50 -7.77 -1.27
C TRP C 37 31.97 -6.34 -1.23
N ILE C 38 32.64 -5.49 -0.43
CA ILE C 38 32.33 -4.07 -0.20
C ILE C 38 33.62 -3.24 -0.37
N ARG C 39 33.59 -2.22 -1.22
CA ARG C 39 34.74 -1.31 -1.32
C ARG C 39 34.47 -0.07 -0.47
N GLN C 40 35.55 0.64 -0.17
CA GLN C 40 35.48 1.92 0.52
C GLN C 40 36.39 2.85 -0.24
N PHE C 41 35.77 3.77 -0.96
CA PHE C 41 36.45 4.89 -1.57
C PHE C 41 37.16 5.72 -0.49
N PRO C 42 38.27 6.45 -0.87
CA PRO C 42 39.14 7.09 0.15
C PRO C 42 38.49 8.13 1.04
N GLY C 43 38.35 7.73 2.31
CA GLY C 43 37.67 8.48 3.36
C GLY C 43 36.25 8.82 3.01
N ASN C 44 35.55 7.88 2.39
CA ASN C 44 34.42 8.22 1.56
C ASN C 44 33.43 7.09 1.72
N LYS C 45 32.43 7.08 0.82
CA LYS C 45 31.26 6.22 0.87
C LYS C 45 31.68 4.78 0.66
N LEU C 46 30.77 3.91 1.00
CA LEU C 46 30.90 2.51 0.70
C LEU C 46 30.07 2.21 -0.52
N GLU C 47 30.59 1.35 -1.37
CA GLU C 47 29.84 0.82 -2.50
C GLU C 47 29.78 -0.69 -2.26
N TRP C 48 28.58 -1.25 -2.06
CA TRP C 48 28.44 -2.69 -2.04
C TRP C 48 28.71 -3.22 -3.42
N MET C 49 29.65 -4.16 -3.53
CA MET C 49 29.99 -4.63 -4.86
C MET C 49 29.20 -5.89 -5.25
N GLY C 50 29.15 -6.90 -4.37
CA GLY C 50 28.53 -8.13 -4.84
C GLY C 50 28.43 -9.15 -3.73
N TYR C 51 27.86 -10.31 -4.06
CA TYR C 51 28.04 -11.50 -3.24
C TYR C 51 27.97 -12.76 -4.10
N ILE C 52 28.54 -13.84 -3.53
CA ILE C 52 28.24 -15.21 -3.95
C ILE C 52 27.60 -15.92 -2.76
N THR C 53 26.57 -16.73 -3.02
CA THR C 53 25.78 -17.35 -1.96
C THR C 53 26.46 -18.60 -1.42
N TYR C 54 25.77 -19.36 -0.56
CA TYR C 54 26.29 -20.67 -0.20
C TYR C 54 26.18 -21.60 -1.40
N ASP C 55 25.11 -21.43 -2.16
CA ASP C 55 24.72 -22.24 -3.30
C ASP C 55 25.68 -22.03 -4.46
N GLY C 56 26.23 -20.83 -4.58
CA GLY C 56 27.02 -20.43 -5.73
C GLY C 56 26.39 -19.38 -6.59
N THR C 57 25.24 -18.84 -6.20
CA THR C 57 24.52 -17.89 -7.04
C THR C 57 25.10 -16.49 -6.88
N ASN C 58 25.12 -15.73 -7.95
CA ASN C 58 25.81 -14.45 -7.93
C ASN C 58 24.82 -13.31 -7.99
N ASN C 59 25.12 -12.26 -7.25
CA ASN C 59 24.32 -11.05 -7.38
C ASN C 59 25.25 -9.88 -7.22
N TYR C 60 25.29 -9.04 -8.25
CA TYR C 60 26.27 -7.97 -8.36
C TYR C 60 25.60 -6.59 -8.37
N ASN C 61 26.39 -5.55 -8.11
CA ASN C 61 25.90 -4.18 -8.26
C ASN C 61 25.76 -3.86 -9.75
N PRO C 62 24.59 -3.37 -10.21
CA PRO C 62 24.41 -3.10 -11.64
C PRO C 62 25.13 -1.87 -12.18
N PHE C 63 25.90 -1.15 -11.34
CA PHE C 63 26.74 -0.08 -11.84
C PHE C 63 27.92 -0.67 -12.63
N PHE C 64 28.47 -1.76 -12.14
CA PHE C 64 29.41 -2.58 -12.88
C PHE C 64 28.68 -3.39 -13.93
N LYS C 65 29.09 -3.26 -15.19
CA LYS C 65 28.33 -3.84 -16.28
C LYS C 65 29.16 -4.94 -16.92
N ASN C 66 28.84 -6.19 -16.51
CA ASN C 66 29.38 -7.45 -17.07
C ASN C 66 30.90 -7.47 -17.06
N ARG C 67 31.47 -6.91 -16.00
CA ARG C 67 32.88 -6.68 -15.88
C ARG C 67 33.48 -7.29 -14.62
N ILE C 68 32.63 -7.69 -13.65
CA ILE C 68 33.11 -8.29 -12.40
C ILE C 68 32.55 -9.70 -12.30
N SER C 69 33.36 -10.54 -11.65
CA SER C 69 33.05 -11.92 -11.33
C SER C 69 33.34 -12.09 -9.86
N ILE C 70 32.41 -12.66 -9.11
CA ILE C 70 32.74 -13.18 -7.80
C ILE C 70 32.57 -14.68 -7.86
N THR C 71 33.65 -15.40 -7.58
CA THR C 71 33.70 -16.84 -7.74
C THR C 71 34.21 -17.44 -6.44
N ARG C 72 34.31 -18.77 -6.36
CA ARG C 72 34.68 -19.38 -5.09
C ARG C 72 35.50 -20.62 -5.34
N ASP C 73 36.45 -20.91 -4.44
CA ASP C 73 37.08 -22.23 -4.30
C ASP C 73 36.65 -22.86 -2.98
N THR C 74 35.80 -23.89 -3.07
CA THR C 74 35.17 -24.39 -1.87
C THR C 74 36.14 -25.24 -1.07
N SER C 75 37.11 -25.86 -1.75
CA SER C 75 38.06 -26.70 -1.03
C SER C 75 39.09 -25.88 -0.27
N GLN C 76 39.22 -24.60 -0.57
CA GLN C 76 40.14 -23.73 0.17
C GLN C 76 39.42 -22.70 1.04
N ASN C 77 38.09 -22.75 1.09
CA ASN C 77 37.24 -21.74 1.72
C ASN C 77 37.54 -20.30 1.26
N GLN C 78 37.55 -20.10 -0.03
CA GLN C 78 37.94 -18.80 -0.53
C GLN C 78 36.90 -18.31 -1.51
N PHE C 79 36.69 -16.98 -1.55
CA PHE C 79 35.95 -16.40 -2.66
C PHE C 79 36.69 -15.21 -3.21
N PHE C 80 36.53 -15.02 -4.50
CA PHE C 80 37.38 -14.18 -5.31
C PHE C 80 36.60 -13.10 -6.04
N LEU C 81 37.14 -11.89 -5.97
CA LEU C 81 36.66 -10.74 -6.72
C LEU C 81 37.53 -10.47 -7.94
N LYS C 82 36.90 -10.35 -9.11
CA LYS C 82 37.56 -10.14 -10.40
C LYS C 82 36.87 -8.94 -11.02
N LEU C 83 37.47 -7.77 -10.85
CA LEU C 83 37.07 -6.53 -11.50
C LEU C 83 37.96 -6.28 -12.73
N ASN C 84 37.38 -6.38 -13.93
CA ASN C 84 38.12 -6.10 -15.16
C ASN C 84 38.12 -4.61 -15.49
N SER C 85 39.14 -4.20 -16.27
CA SER C 85 39.32 -2.84 -16.83
C SER C 85 39.31 -1.76 -15.76
N VAL C 86 40.32 -1.80 -14.89
CA VAL C 86 40.34 -0.86 -13.78
C VAL C 86 40.81 0.53 -14.25
N THR C 87 40.35 1.56 -13.53
CA THR C 87 40.69 2.97 -13.75
C THR C 87 41.24 3.54 -12.46
N THR C 88 41.61 4.83 -12.50
CA THR C 88 42.18 5.47 -11.32
C THR C 88 41.12 5.75 -10.25
N GLU C 89 39.85 5.83 -10.66
CA GLU C 89 38.77 5.99 -9.70
C GLU C 89 38.58 4.72 -8.88
N ASP C 90 38.95 3.55 -9.44
CA ASP C 90 38.82 2.24 -8.81
C ASP C 90 39.79 2.02 -7.63
N THR C 91 40.73 2.96 -7.36
CA THR C 91 41.56 2.97 -6.16
C THR C 91 40.65 3.03 -4.92
N ALA C 92 40.72 1.99 -4.06
CA ALA C 92 39.91 1.92 -2.83
C ALA C 92 40.39 0.81 -1.87
N THR C 93 39.87 0.88 -0.64
CA THR C 93 40.11 -0.11 0.42
C THR C 93 39.05 -1.19 0.33
N TYR C 94 39.41 -2.45 0.12
CA TYR C 94 38.41 -3.44 -0.27
C TYR C 94 38.22 -4.41 0.90
N TYR C 95 36.97 -4.81 1.15
CA TYR C 95 36.60 -5.62 2.32
C TYR C 95 35.77 -6.80 1.85
N CYS C 96 35.90 -7.95 2.50
CA CYS C 96 34.91 -9.01 2.28
C CYS C 96 34.14 -9.15 3.57
N ALA C 97 32.89 -9.60 3.47
CA ALA C 97 32.04 -9.66 4.64
C ALA C 97 31.02 -10.77 4.48
N ARG C 98 30.87 -11.56 5.54
CA ARG C 98 29.79 -12.52 5.58
C ARG C 98 28.54 -11.73 5.83
N ASP C 99 27.44 -12.20 5.25
CA ASP C 99 26.09 -11.67 5.47
C ASP C 99 25.80 -11.59 6.96
N GLY C 100 24.95 -10.62 7.31
CA GLY C 100 24.32 -10.55 8.62
C GLY C 100 23.27 -11.62 8.79
N ARG C 101 22.47 -11.53 9.86
CA ARG C 101 21.44 -12.56 10.01
C ARG C 101 20.41 -12.46 8.86
N TYR C 102 19.83 -11.27 8.62
CA TYR C 102 19.07 -10.99 7.40
C TYR C 102 19.34 -9.58 6.87
N TRP C 103 20.18 -9.49 5.81
CA TRP C 103 20.40 -8.34 4.88
C TRP C 103 21.10 -7.10 5.46
N TYR C 104 22.23 -7.32 6.13
CA TYR C 104 23.22 -6.34 6.63
C TYR C 104 24.56 -7.05 6.59
N PHE C 105 25.59 -6.52 7.20
CA PHE C 105 26.91 -7.19 7.08
C PHE C 105 27.55 -7.45 8.45
N ASP C 106 27.37 -8.66 9.00
CA ASP C 106 27.71 -8.85 10.39
C ASP C 106 29.24 -8.97 10.53
N VAL C 107 29.86 -9.91 9.84
CA VAL C 107 31.27 -10.21 10.09
C VAL C 107 32.10 -9.68 8.93
N TRP C 108 33.08 -8.83 9.25
CA TRP C 108 33.90 -8.15 8.26
C TRP C 108 35.36 -8.59 8.37
N GLY C 109 36.02 -8.57 7.23
CA GLY C 109 37.46 -8.78 7.19
C GLY C 109 38.20 -7.49 7.49
N ALA C 110 39.52 -7.58 7.39
CA ALA C 110 40.36 -6.47 7.84
C ALA C 110 40.48 -5.38 6.80
N GLY C 111 40.59 -5.75 5.53
CA GLY C 111 40.52 -4.84 4.39
C GLY C 111 41.87 -4.65 3.73
N THR C 112 41.85 -4.29 2.44
CA THR C 112 43.08 -4.15 1.67
C THR C 112 43.04 -2.89 0.84
N THR C 113 44.01 -2.01 1.02
CA THR C 113 44.07 -0.85 0.15
C THR C 113 44.65 -1.31 -1.17
N VAL C 114 43.95 -0.97 -2.25
CA VAL C 114 44.43 -1.18 -3.61
C VAL C 114 44.45 0.20 -4.29
N THR C 115 45.65 0.70 -4.55
CA THR C 115 45.83 1.94 -5.30
C THR C 115 46.07 1.61 -6.77
N VAL C 116 45.44 2.39 -7.66
CA VAL C 116 45.55 2.19 -9.11
C VAL C 116 46.27 3.39 -9.72
N SER C 117 47.50 3.17 -10.17
CA SER C 117 48.27 4.21 -10.82
C SER C 117 49.16 3.62 -11.91
N SER C 118 49.40 4.43 -12.92
CA SER C 118 50.28 4.09 -14.03
C SER C 118 51.73 4.44 -13.71
N ALA C 119 52.25 3.91 -12.59
CA ALA C 119 53.53 4.35 -12.01
C ALA C 119 54.34 3.17 -11.50
N SER C 120 55.61 3.44 -11.16
CA SER C 120 56.58 2.44 -10.71
C SER C 120 56.68 2.40 -9.18
N THR C 121 56.72 1.18 -8.60
CA THR C 121 56.74 1.02 -7.15
C THR C 121 58.15 1.26 -6.62
N LYS C 122 58.29 2.22 -5.71
CA LYS C 122 59.58 2.70 -5.25
C LYS C 122 59.67 2.58 -3.73
N GLY C 123 60.89 2.38 -3.26
CA GLY C 123 61.15 2.22 -1.85
C GLY C 123 61.47 3.49 -1.08
N PRO C 124 61.18 3.49 0.22
CA PRO C 124 61.33 4.70 1.03
C PRO C 124 62.75 5.04 1.46
N SER C 125 62.91 6.31 1.82
CA SER C 125 64.14 6.86 2.41
C SER C 125 63.83 7.42 3.80
N VAL C 126 64.67 7.09 4.79
CA VAL C 126 64.42 7.48 6.18
C VAL C 126 65.52 8.44 6.62
N PHE C 127 65.12 9.66 6.96
CA PHE C 127 66.05 10.73 7.34
C PHE C 127 65.81 11.16 8.78
N PRO C 128 66.87 11.26 9.60
CA PRO C 128 66.70 11.41 11.06
C PRO C 128 66.47 12.84 11.53
N LEU C 129 65.65 12.97 12.58
CA LEU C 129 65.34 14.25 13.20
C LEU C 129 65.60 14.15 14.71
N ALA C 130 66.60 14.92 15.18
CA ALA C 130 67.30 14.87 16.46
C ALA C 130 66.80 15.96 17.41
N PRO C 131 66.89 15.76 18.76
CA PRO C 131 66.40 16.80 19.68
C PRO C 131 67.30 18.01 19.96
N SER C 132 67.72 18.72 18.91
CA SER C 132 68.40 19.99 19.10
C SER C 132 67.42 21.01 19.68
N SER C 133 67.73 21.54 20.86
CA SER C 133 66.77 22.26 21.65
C SER C 133 66.81 23.75 21.40
N LYS C 134 65.62 24.36 21.42
CA LYS C 134 65.41 25.79 21.27
C LYS C 134 64.62 26.20 22.50
N SER C 135 64.04 27.40 22.50
CA SER C 135 63.23 27.82 23.64
C SER C 135 61.86 27.13 23.64
N THR C 136 61.19 27.23 24.81
CA THR C 136 59.87 26.66 25.13
C THR C 136 59.86 25.13 24.92
N SER C 137 60.89 24.45 25.45
CA SER C 137 60.96 23.00 25.35
C SER C 137 59.93 22.33 26.28
N GLY C 138 59.62 22.96 27.41
CA GLY C 138 58.70 22.41 28.41
C GLY C 138 59.35 21.52 29.46
N GLY C 139 60.68 21.42 29.46
CA GLY C 139 61.42 20.44 30.23
C GLY C 139 61.41 19.04 29.63
N THR C 140 60.79 18.86 28.46
CA THR C 140 60.75 17.61 27.72
C THR C 140 61.23 17.86 26.30
N ALA C 141 61.40 16.77 25.55
CA ALA C 141 61.89 16.85 24.18
C ALA C 141 61.14 15.86 23.29
N ALA C 142 61.13 16.13 22.00
CA ALA C 142 60.49 15.23 21.05
C ALA C 142 61.47 14.92 19.93
N LEU C 143 61.49 13.67 19.45
CA LEU C 143 62.36 13.32 18.34
C LEU C 143 61.56 12.54 17.31
N GLY C 144 62.14 12.37 16.12
CA GLY C 144 61.35 11.72 15.09
C GLY C 144 62.15 11.39 13.85
N CYS C 145 61.44 10.80 12.89
CA CYS C 145 62.06 10.45 11.62
C CYS C 145 61.09 10.63 10.46
N LEU C 146 61.66 10.94 9.29
CA LEU C 146 60.90 11.25 8.07
C LEU C 146 61.07 10.17 7.02
N VAL C 147 59.95 9.68 6.50
CA VAL C 147 59.88 8.73 5.40
C VAL C 147 59.52 9.48 4.12
N LYS C 148 60.35 9.39 3.11
CA LYS C 148 60.13 10.10 1.87
C LYS C 148 60.18 9.11 0.72
N ASP C 149 59.39 9.41 -0.32
CA ASP C 149 59.48 8.83 -1.66
C ASP C 149 59.21 7.33 -1.71
N TYR C 150 58.11 6.91 -1.13
CA TYR C 150 57.76 5.51 -1.24
C TYR C 150 56.51 5.40 -2.09
N PHE C 151 56.41 4.31 -2.83
CA PHE C 151 55.25 4.10 -3.62
C PHE C 151 54.98 2.60 -3.72
N PRO C 152 53.72 2.16 -3.61
CA PRO C 152 52.58 2.93 -3.12
C PRO C 152 52.42 2.85 -1.61
N GLU C 153 51.31 3.41 -1.09
CA GLU C 153 50.98 3.36 0.31
C GLU C 153 50.32 1.99 0.54
N PRO C 154 50.43 1.37 1.75
CA PRO C 154 50.97 1.65 3.09
C PRO C 154 52.35 1.22 3.45
N VAL C 155 52.71 1.66 4.65
CA VAL C 155 53.89 1.27 5.38
C VAL C 155 53.43 1.08 6.82
N THR C 156 54.24 0.36 7.58
CA THR C 156 53.99 0.16 8.99
C THR C 156 55.20 0.70 9.71
N VAL C 157 54.96 1.62 10.65
CA VAL C 157 56.01 2.38 11.32
C VAL C 157 55.96 2.05 12.81
N SER C 158 57.07 1.51 13.33
CA SER C 158 57.19 1.12 14.73
C SER C 158 58.45 1.71 15.35
N TRP C 159 58.39 1.89 16.67
CA TRP C 159 59.50 2.43 17.44
C TRP C 159 60.06 1.32 18.31
N ASN C 160 61.39 1.13 18.19
CA ASN C 160 62.18 0.11 18.91
C ASN C 160 61.66 -1.31 18.68
N SER C 161 61.22 -1.58 17.43
CA SER C 161 60.58 -2.84 16.98
C SER C 161 59.37 -3.25 17.83
N GLY C 162 58.60 -2.26 18.29
CA GLY C 162 57.42 -2.59 19.07
C GLY C 162 57.62 -2.57 20.56
N ALA C 163 58.86 -2.31 21.04
CA ALA C 163 59.20 -2.27 22.46
C ALA C 163 58.99 -0.88 23.05
N LEU C 164 58.37 0.00 22.28
CA LEU C 164 57.92 1.31 22.68
C LEU C 164 56.47 1.34 22.22
N THR C 165 55.52 1.08 23.11
CA THR C 165 54.10 1.03 22.75
C THR C 165 53.30 2.29 23.14
N SER C 166 53.86 3.21 23.90
CA SER C 166 53.11 4.32 24.46
C SER C 166 53.40 5.63 23.75
N GLY C 167 52.35 6.33 23.36
CA GLY C 167 52.45 7.56 22.61
C GLY C 167 52.47 7.22 21.14
N VAL C 168 51.29 7.23 20.54
CA VAL C 168 51.10 6.78 19.16
C VAL C 168 51.01 8.03 18.29
N HIS C 169 52.15 8.42 17.64
CA HIS C 169 52.15 9.64 16.80
C HIS C 169 52.84 9.35 15.45
N THR C 170 52.07 8.88 14.47
CA THR C 170 52.52 8.69 13.09
C THR C 170 51.61 9.47 12.14
N PHE C 171 52.19 10.35 11.32
CA PHE C 171 51.39 11.21 10.45
C PHE C 171 50.86 10.48 9.22
N PRO C 172 49.68 10.86 8.74
CA PRO C 172 49.17 10.32 7.48
C PRO C 172 49.99 10.81 6.30
N ALA C 173 50.02 9.98 5.26
CA ALA C 173 50.82 10.23 4.08
C ALA C 173 50.33 11.43 3.29
N VAL C 174 51.26 12.10 2.62
CA VAL C 174 50.96 13.19 1.72
C VAL C 174 51.64 12.86 0.40
N LEU C 175 50.98 13.20 -0.70
CA LEU C 175 51.52 12.93 -2.02
C LEU C 175 52.19 14.18 -2.58
N GLN C 176 53.45 14.07 -3.01
CA GLN C 176 54.17 15.18 -3.62
C GLN C 176 53.83 15.22 -5.12
N SER C 177 54.35 16.24 -5.82
CA SER C 177 54.13 16.37 -7.26
C SER C 177 54.83 15.30 -8.08
N SER C 178 55.86 14.66 -7.53
CA SER C 178 56.53 13.55 -8.19
C SER C 178 55.62 12.31 -8.32
N GLY C 179 54.60 12.18 -7.45
CA GLY C 179 53.76 11.00 -7.38
C GLY C 179 54.19 10.00 -6.34
N LEU C 180 55.21 10.33 -5.54
CA LEU C 180 55.74 9.48 -4.47
C LEU C 180 55.28 9.96 -3.10
N TYR C 181 54.81 9.01 -2.29
CA TYR C 181 54.22 9.34 -1.00
C TYR C 181 55.28 9.63 0.06
N SER C 182 54.90 10.41 1.06
CA SER C 182 55.80 10.75 2.15
C SER C 182 55.02 10.88 3.45
N LEU C 183 55.62 10.46 4.55
CA LEU C 183 55.04 10.62 5.88
C LEU C 183 56.14 10.80 6.93
N SER C 184 55.75 11.02 8.19
CA SER C 184 56.71 11.16 9.29
C SER C 184 56.13 10.54 10.55
N SER C 185 57.02 10.12 11.47
CA SER C 185 56.61 9.63 12.78
C SER C 185 57.43 10.28 13.90
N VAL C 186 56.75 10.57 15.04
CA VAL C 186 57.28 11.31 16.20
C VAL C 186 57.02 10.58 17.51
N VAL C 187 57.94 10.76 18.49
CA VAL C 187 57.78 10.29 19.86
C VAL C 187 58.23 11.40 20.83
N THR C 188 57.46 11.54 21.92
CA THR C 188 57.71 12.46 23.04
C THR C 188 58.42 11.76 24.19
N VAL C 189 59.51 12.36 24.66
CA VAL C 189 60.33 11.81 25.76
C VAL C 189 60.64 12.90 26.79
N PRO C 190 61.06 12.49 28.00
CA PRO C 190 61.72 13.46 28.90
C PRO C 190 63.10 13.87 28.40
N SER C 191 63.43 15.16 28.55
CA SER C 191 64.61 15.74 27.90
C SER C 191 65.94 15.42 28.59
N SER C 192 65.94 15.06 29.87
CA SER C 192 67.18 14.70 30.55
C SER C 192 67.56 13.24 30.40
N SER C 193 66.75 12.44 29.70
CA SER C 193 66.93 10.99 29.62
C SER C 193 67.03 10.50 28.17
N LEU C 194 67.85 11.18 27.35
CA LEU C 194 67.91 10.88 25.92
C LEU C 194 68.78 9.67 25.57
N GLY C 195 69.71 9.28 26.44
CA GLY C 195 70.62 8.19 26.14
C GLY C 195 70.34 6.90 26.86
N THR C 196 69.08 6.68 27.24
CA THR C 196 68.67 5.47 27.98
C THR C 196 68.15 4.40 27.01
N GLN C 197 67.02 4.68 26.36
CA GLN C 197 66.59 3.89 25.22
C GLN C 197 67.42 4.26 24.00
N THR C 198 67.66 3.27 23.14
CA THR C 198 68.18 3.52 21.81
C THR C 198 66.99 3.58 20.86
N TYR C 199 66.62 4.80 20.44
CA TYR C 199 65.46 5.03 19.57
C TYR C 199 65.73 4.49 18.18
N ILE C 200 65.01 3.44 17.79
CA ILE C 200 65.11 2.87 16.45
C ILE C 200 63.84 3.24 15.70
N CYS C 201 64.01 3.68 14.46
CA CYS C 201 62.93 4.02 13.54
C CYS C 201 62.77 2.83 12.60
N ASN C 202 61.77 1.97 12.86
CA ASN C 202 61.58 0.73 12.11
C ASN C 202 60.43 0.89 11.11
N VAL C 203 60.76 0.83 9.82
CA VAL C 203 59.81 1.08 8.74
C VAL C 203 59.76 -0.16 7.87
N ASN C 204 58.54 -0.66 7.59
CA ASN C 204 58.37 -1.72 6.62
C ASN C 204 57.48 -1.21 5.49
N HIS C 205 57.96 -1.33 4.25
CA HIS C 205 57.20 -1.03 3.04
C HIS C 205 56.85 -2.37 2.38
N LYS C 206 55.59 -2.74 2.44
CA LYS C 206 55.17 -4.07 2.04
C LYS C 206 55.08 -4.29 0.51
N PRO C 207 54.68 -3.29 -0.36
CA PRO C 207 54.93 -3.48 -1.80
C PRO C 207 56.38 -3.51 -2.27
N SER C 208 57.23 -2.54 -1.90
CA SER C 208 58.61 -2.61 -2.39
C SER C 208 59.51 -3.49 -1.52
N ASN C 209 58.94 -4.13 -0.48
CA ASN C 209 59.57 -5.12 0.41
C ASN C 209 60.83 -4.54 1.08
N THR C 210 60.63 -3.41 1.76
CA THR C 210 61.74 -2.65 2.31
C THR C 210 61.70 -2.71 3.83
N LYS C 211 62.87 -2.93 4.44
CA LYS C 211 63.06 -2.92 5.88
C LYS C 211 64.14 -1.89 6.19
N VAL C 212 63.77 -0.78 6.82
CA VAL C 212 64.74 0.26 7.16
C VAL C 212 64.70 0.50 8.66
N ASP C 213 65.87 0.43 9.31
CA ASP C 213 66.02 0.71 10.73
C ASP C 213 67.05 1.83 10.91
N LYS C 214 66.65 2.96 11.51
CA LYS C 214 67.57 4.09 11.65
C LYS C 214 67.65 4.59 13.08
N LYS C 215 68.87 4.85 13.55
CA LYS C 215 69.11 5.37 14.90
C LYS C 215 69.06 6.90 14.88
N VAL C 216 68.49 7.48 15.94
CA VAL C 216 68.34 8.92 16.10
C VAL C 216 69.24 9.39 17.25
N GLU C 217 70.24 10.23 16.92
CA GLU C 217 71.24 10.72 17.87
C GLU C 217 71.26 12.25 17.86
N PRO C 218 71.40 12.90 19.02
CA PRO C 218 71.23 14.36 19.10
C PRO C 218 72.38 15.19 18.51
N LYS C 219 72.05 16.45 18.17
CA LYS C 219 72.92 17.41 17.50
C LYS C 219 73.44 18.48 18.47
N SER C 220 74.22 19.43 17.93
CA SER C 220 74.99 20.39 18.74
C SER C 220 74.53 21.84 18.59
N CYS C 221 73.22 22.09 18.61
CA CYS C 221 72.70 23.46 18.74
C CYS C 221 72.27 23.71 20.18
N GLU D 1 -20.20 14.78 -13.94
CA GLU D 1 -18.78 14.59 -14.21
C GLU D 1 -18.41 13.11 -14.19
N VAL D 2 -18.60 12.45 -13.05
CA VAL D 2 -18.42 11.01 -12.88
C VAL D 2 -19.71 10.27 -13.20
N GLN D 3 -19.69 9.45 -14.25
CA GLN D 3 -20.91 8.85 -14.78
C GLN D 3 -20.67 7.36 -15.05
N LEU D 4 -21.73 6.55 -15.00
CA LEU D 4 -21.73 5.19 -15.53
C LEU D 4 -22.97 4.96 -16.35
N VAL D 5 -22.81 4.70 -17.64
CA VAL D 5 -23.94 4.73 -18.58
C VAL D 5 -24.09 3.35 -19.21
N GLU D 6 -25.27 2.75 -19.05
CA GLU D 6 -25.50 1.47 -19.71
C GLU D 6 -26.36 1.65 -20.96
N ASN D 7 -26.07 0.85 -21.96
CA ASN D 7 -26.97 0.67 -23.06
C ASN D 7 -27.12 -0.83 -23.28
N GLY D 8 -28.03 -1.20 -24.20
CA GLY D 8 -28.17 -2.57 -24.60
C GLY D 8 -29.41 -3.29 -24.13
N GLY D 9 -30.21 -2.70 -23.24
CA GLY D 9 -31.41 -3.39 -22.75
C GLY D 9 -32.53 -3.44 -23.78
N GLY D 10 -33.39 -4.46 -23.67
CA GLY D 10 -34.41 -4.59 -24.69
C GLY D 10 -35.44 -5.66 -24.40
N LEU D 11 -36.36 -5.81 -25.34
CA LEU D 11 -37.37 -6.85 -25.33
C LEU D 11 -36.89 -7.97 -26.25
N VAL D 12 -36.43 -9.07 -25.66
CA VAL D 12 -36.17 -10.28 -26.42
C VAL D 12 -37.13 -11.33 -25.93
N LYS D 13 -37.78 -12.01 -26.89
CA LYS D 13 -38.60 -13.20 -26.66
C LYS D 13 -37.79 -14.28 -25.92
N PRO D 14 -38.44 -15.10 -25.06
CA PRO D 14 -37.69 -15.91 -24.09
C PRO D 14 -36.90 -17.05 -24.73
N GLY D 15 -35.78 -17.37 -24.09
CA GLY D 15 -34.76 -18.17 -24.74
C GLY D 15 -33.86 -17.39 -25.67
N GLY D 16 -34.04 -16.05 -25.74
CA GLY D 16 -33.19 -15.22 -26.56
C GLY D 16 -31.92 -14.77 -25.85
N SER D 17 -31.09 -14.05 -26.60
CA SER D 17 -29.77 -13.64 -26.15
C SER D 17 -29.63 -12.14 -26.36
N LEU D 18 -28.71 -11.54 -25.60
CA LEU D 18 -28.60 -10.09 -25.47
C LEU D 18 -27.30 -9.69 -24.77
N ARG D 19 -26.61 -8.70 -25.33
CA ARG D 19 -25.36 -8.19 -24.78
C ARG D 19 -25.55 -6.79 -24.21
N LEU D 20 -25.11 -6.60 -22.97
CA LEU D 20 -25.34 -5.38 -22.19
C LEU D 20 -24.01 -4.68 -21.94
N SER D 21 -23.99 -3.35 -22.11
CA SER D 21 -22.76 -2.61 -21.96
C SER D 21 -22.91 -1.52 -20.91
N CYS D 22 -21.82 -1.31 -20.17
CA CYS D 22 -21.62 -0.28 -19.15
C CYS D 22 -20.35 0.49 -19.53
N ALA D 23 -20.51 1.73 -19.97
CA ALA D 23 -19.39 2.60 -20.31
C ALA D 23 -19.21 3.65 -19.22
N ALA D 24 -18.01 3.76 -18.66
CA ALA D 24 -17.74 4.69 -17.58
C ALA D 24 -17.17 5.99 -18.13
N SER D 25 -17.44 7.12 -17.46
CA SER D 25 -16.76 8.37 -17.86
C SER D 25 -16.33 9.17 -16.64
N GLY D 26 -15.10 9.70 -16.69
CA GLY D 26 -14.60 10.53 -15.62
C GLY D 26 -13.67 9.85 -14.64
N PHE D 27 -13.47 8.54 -14.74
CA PHE D 27 -12.50 7.86 -13.90
C PHE D 27 -11.94 6.66 -14.67
N THR D 28 -10.78 6.20 -14.22
CA THR D 28 -10.18 5.00 -14.77
C THR D 28 -10.79 3.77 -14.13
N ILE D 29 -11.23 2.82 -14.97
CA ILE D 29 -11.89 1.61 -14.46
C ILE D 29 -10.92 0.60 -13.86
N SER D 30 -9.61 0.72 -14.18
CA SER D 30 -8.66 -0.35 -13.99
C SER D 30 -8.35 -0.63 -12.54
N SER D 31 -8.50 0.32 -11.67
CA SER D 31 -8.24 0.01 -10.29
C SER D 31 -9.49 -0.47 -9.54
N TYR D 32 -10.58 -0.76 -10.25
CA TYR D 32 -11.88 -1.00 -9.64
C TYR D 32 -12.44 -2.33 -10.08
N GLY D 33 -13.01 -3.09 -9.14
CA GLY D 33 -13.86 -4.20 -9.54
C GLY D 33 -15.19 -3.69 -10.04
N MET D 34 -15.78 -4.38 -11.02
CA MET D 34 -17.03 -3.94 -11.66
C MET D 34 -18.13 -4.97 -11.56
N ASN D 35 -19.37 -4.53 -11.33
CA ASN D 35 -20.44 -5.48 -11.03
C ASN D 35 -21.72 -5.17 -11.77
N TRP D 36 -22.60 -6.17 -11.80
CA TRP D 36 -23.95 -6.08 -12.35
C TRP D 36 -24.93 -6.55 -11.30
N VAL D 37 -25.98 -5.77 -11.07
CA VAL D 37 -27.08 -6.02 -10.14
C VAL D 37 -28.35 -5.92 -10.97
N ARG D 38 -29.36 -6.74 -10.70
CA ARG D 38 -30.64 -6.55 -11.37
C ARG D 38 -31.70 -6.27 -10.33
N GLN D 39 -32.83 -5.70 -10.78
CA GLN D 39 -33.95 -5.33 -9.92
C GLN D 39 -35.22 -5.54 -10.75
N ALA D 40 -35.91 -6.64 -10.46
CA ALA D 40 -37.21 -6.94 -11.05
C ALA D 40 -38.25 -5.92 -10.59
N PRO D 41 -39.29 -5.63 -11.42
CA PRO D 41 -40.20 -4.53 -11.08
C PRO D 41 -41.10 -4.80 -9.88
N GLY D 42 -40.80 -4.10 -8.79
CA GLY D 42 -41.52 -4.24 -7.54
C GLY D 42 -40.81 -5.03 -6.46
N LYS D 43 -39.51 -5.25 -6.61
CA LYS D 43 -38.76 -5.98 -5.59
C LYS D 43 -37.43 -5.27 -5.37
N GLY D 44 -36.63 -5.82 -4.45
CA GLY D 44 -35.33 -5.26 -4.13
C GLY D 44 -34.28 -5.56 -5.17
N LEU D 45 -33.03 -5.36 -4.75
CA LEU D 45 -31.89 -5.56 -5.65
C LEU D 45 -31.36 -6.96 -5.46
N GLU D 46 -30.81 -7.52 -6.53
CA GLU D 46 -30.29 -8.88 -6.52
C GLU D 46 -29.01 -8.91 -7.32
N TRP D 47 -27.92 -9.40 -6.74
CA TRP D 47 -26.61 -9.40 -7.40
C TRP D 47 -26.60 -10.34 -8.59
N VAL D 48 -26.09 -9.87 -9.72
CA VAL D 48 -25.90 -10.73 -10.88
C VAL D 48 -24.46 -11.23 -10.98
N SER D 49 -23.49 -10.32 -11.09
CA SER D 49 -22.14 -10.79 -11.37
C SER D 49 -21.09 -9.78 -10.93
N SER D 50 -19.85 -10.25 -10.73
CA SER D 50 -18.69 -9.43 -10.40
C SER D 50 -17.44 -9.86 -11.13
N ILE D 51 -16.64 -8.88 -11.58
CA ILE D 51 -15.35 -9.15 -12.22
C ILE D 51 -14.28 -8.23 -11.64
N SER D 52 -13.13 -8.83 -11.39
CA SER D 52 -11.85 -8.26 -11.03
C SER D 52 -11.27 -7.42 -12.15
N SER D 53 -10.28 -6.62 -11.79
CA SER D 53 -9.51 -5.92 -12.80
C SER D 53 -8.65 -6.83 -13.66
N GLY D 54 -8.44 -6.38 -14.87
CA GLY D 54 -8.15 -7.37 -15.90
C GLY D 54 -9.37 -8.24 -16.00
N SER D 55 -9.15 -9.56 -15.94
CA SER D 55 -10.28 -10.43 -15.73
C SER D 55 -9.92 -11.67 -14.93
N THR D 56 -8.91 -11.60 -14.03
CA THR D 56 -8.34 -12.78 -13.37
C THR D 56 -9.35 -13.52 -12.49
N TYR D 57 -10.32 -12.80 -11.92
CA TYR D 57 -11.33 -13.41 -11.06
C TYR D 57 -12.73 -12.91 -11.41
N LYS D 58 -13.57 -13.76 -11.95
CA LYS D 58 -14.95 -13.42 -12.25
C LYS D 58 -15.87 -14.41 -11.53
N TYR D 59 -17.03 -13.90 -11.11
CA TYR D 59 -17.96 -14.49 -10.16
C TYR D 59 -19.40 -14.20 -10.54
N TYR D 60 -20.27 -15.20 -10.38
CA TYR D 60 -21.66 -15.07 -10.81
C TYR D 60 -22.62 -15.59 -9.74
N SER D 61 -23.87 -15.20 -9.88
CA SER D 61 -24.95 -15.76 -9.10
C SER D 61 -25.23 -17.20 -9.54
N ASP D 62 -25.96 -17.95 -8.70
CA ASP D 62 -26.29 -19.33 -9.08
C ASP D 62 -27.32 -19.37 -10.21
N SER D 63 -28.26 -18.41 -10.26
CA SER D 63 -29.33 -18.47 -11.26
C SER D 63 -28.85 -18.03 -12.64
N VAL D 64 -27.73 -17.30 -12.71
CA VAL D 64 -27.25 -16.82 -14.01
C VAL D 64 -26.04 -17.58 -14.52
N LYS D 65 -25.48 -18.49 -13.75
CA LYS D 65 -24.23 -19.12 -14.18
C LYS D 65 -24.48 -20.17 -15.25
N GLY D 66 -23.51 -20.30 -16.13
CA GLY D 66 -23.78 -21.03 -17.35
C GLY D 66 -24.49 -20.24 -18.45
N ARG D 67 -25.56 -19.51 -18.12
CA ARG D 67 -26.28 -18.72 -19.11
C ARG D 67 -25.58 -17.39 -19.42
N PHE D 68 -24.95 -16.75 -18.43
CA PHE D 68 -24.43 -15.39 -18.55
C PHE D 68 -22.91 -15.40 -18.39
N THR D 69 -22.23 -14.53 -19.13
CA THR D 69 -20.77 -14.39 -19.08
C THR D 69 -20.42 -12.92 -18.86
N ILE D 70 -19.49 -12.63 -17.91
CA ILE D 70 -19.10 -11.24 -17.66
C ILE D 70 -17.72 -10.99 -18.26
N SER D 71 -17.47 -9.76 -18.71
CA SER D 71 -16.18 -9.44 -19.30
C SER D 71 -15.97 -7.94 -19.20
N ARG D 72 -14.74 -7.51 -19.50
CA ARG D 72 -14.32 -6.15 -19.22
C ARG D 72 -13.22 -5.75 -20.22
N ASP D 73 -13.29 -4.49 -20.74
CA ASP D 73 -12.17 -3.84 -21.43
C ASP D 73 -11.74 -2.62 -20.62
N ASN D 74 -10.57 -2.71 -19.97
CA ASN D 74 -10.02 -1.58 -19.20
C ASN D 74 -9.69 -0.38 -20.08
N ALA D 75 -9.17 -0.65 -21.27
CA ALA D 75 -8.79 0.38 -22.22
C ALA D 75 -10.00 1.11 -22.78
N LYS D 76 -11.13 0.42 -22.93
CA LYS D 76 -12.36 1.07 -23.36
C LYS D 76 -13.18 1.58 -22.18
N ASN D 77 -12.66 1.42 -20.96
CA ASN D 77 -13.37 1.71 -19.72
C ASN D 77 -14.74 1.04 -19.64
N SER D 78 -14.86 -0.18 -20.09
CA SER D 78 -16.19 -0.75 -20.27
C SER D 78 -16.32 -2.07 -19.54
N LEU D 79 -17.54 -2.31 -19.05
CA LEU D 79 -17.98 -3.60 -18.55
C LEU D 79 -19.08 -4.13 -19.48
N TYR D 80 -19.09 -5.46 -19.72
CA TYR D 80 -20.04 -6.06 -20.64
C TYR D 80 -20.59 -7.31 -19.99
N LEU D 81 -21.87 -7.60 -20.26
CA LEU D 81 -22.50 -8.84 -19.80
C LEU D 81 -23.18 -9.52 -20.98
N GLN D 82 -22.95 -10.81 -21.13
CA GLN D 82 -23.58 -11.58 -22.20
C GLN D 82 -24.64 -12.46 -21.58
N MET D 83 -25.89 -12.20 -21.92
CA MET D 83 -27.03 -12.88 -21.33
C MET D 83 -27.65 -13.79 -22.38
N ASN D 84 -27.59 -15.09 -22.17
CA ASN D 84 -28.17 -16.04 -23.11
C ASN D 84 -29.19 -16.85 -22.35
N THR D 85 -29.93 -17.66 -23.13
CA THR D 85 -31.05 -18.55 -22.69
C THR D 85 -31.94 -17.91 -21.60
N LEU D 86 -32.51 -16.77 -21.96
CA LEU D 86 -33.25 -15.91 -21.05
C LEU D 86 -34.60 -16.50 -20.69
N ARG D 87 -35.03 -16.18 -19.47
CA ARG D 87 -36.32 -16.60 -18.93
C ARG D 87 -37.09 -15.35 -18.57
N ALA D 88 -38.40 -15.50 -18.37
CA ALA D 88 -39.24 -14.40 -17.86
C ALA D 88 -38.85 -14.00 -16.43
N GLU D 89 -38.15 -14.88 -15.69
CA GLU D 89 -37.54 -14.52 -14.41
C GLU D 89 -36.45 -13.46 -14.58
N ASP D 90 -35.82 -13.37 -15.76
CA ASP D 90 -34.73 -12.43 -15.99
C ASP D 90 -35.20 -11.02 -16.32
N THR D 91 -36.51 -10.80 -16.46
CA THR D 91 -37.06 -9.46 -16.69
C THR D 91 -36.87 -8.54 -15.50
N ALA D 92 -36.08 -7.48 -15.73
CA ALA D 92 -35.62 -6.59 -14.68
C ALA D 92 -34.94 -5.36 -15.28
N VAL D 93 -34.63 -4.40 -14.42
CA VAL D 93 -33.73 -3.30 -14.74
C VAL D 93 -32.33 -3.70 -14.28
N TYR D 94 -31.33 -3.54 -15.13
CA TYR D 94 -29.98 -4.04 -14.85
C TYR D 94 -29.03 -2.87 -14.67
N TYR D 95 -28.39 -2.82 -13.50
CA TYR D 95 -27.52 -1.73 -13.08
C TYR D 95 -26.08 -2.25 -12.98
N CYS D 96 -25.10 -1.45 -13.39
CA CYS D 96 -23.72 -1.78 -13.06
C CYS D 96 -23.28 -0.90 -11.89
N ALA D 97 -22.30 -1.40 -11.14
CA ALA D 97 -21.77 -0.72 -9.96
C ALA D 97 -20.25 -0.89 -9.92
N ARG D 98 -19.57 0.21 -9.71
CA ARG D 98 -18.16 0.24 -9.34
C ARG D 98 -17.99 -0.31 -7.93
N ALA D 99 -16.83 -0.90 -7.66
CA ALA D 99 -16.51 -1.40 -6.35
C ALA D 99 -15.00 -1.35 -6.20
N PRO D 100 -14.48 -1.41 -4.95
CA PRO D 100 -13.07 -1.77 -4.77
C PRO D 100 -12.83 -3.21 -5.22
N GLU D 101 -11.55 -3.56 -5.40
CA GLU D 101 -11.10 -4.82 -5.96
C GLU D 101 -11.60 -5.97 -5.11
N PRO D 102 -12.04 -7.07 -5.70
CA PRO D 102 -12.68 -8.12 -4.90
C PRO D 102 -11.62 -8.82 -4.07
N GLY D 103 -12.04 -9.36 -2.95
CA GLY D 103 -11.06 -10.09 -2.19
C GLY D 103 -11.84 -11.20 -1.56
N LEU D 104 -11.13 -12.00 -0.76
CA LEU D 104 -11.76 -12.83 0.24
C LEU D 104 -12.63 -11.97 1.17
N THR D 105 -12.18 -10.77 1.49
CA THR D 105 -12.94 -9.82 2.28
C THR D 105 -13.14 -8.60 1.39
N TRP D 106 -14.38 -8.34 0.97
CA TRP D 106 -14.60 -7.22 0.06
C TRP D 106 -15.01 -5.96 0.85
N PHE D 107 -14.06 -5.40 1.60
CA PHE D 107 -14.37 -4.35 2.55
C PHE D 107 -14.11 -3.02 1.90
N GLY D 108 -15.15 -2.24 1.68
CA GLY D 108 -14.89 -0.97 1.03
C GLY D 108 -16.16 -0.27 0.66
N GLU D 109 -16.01 0.73 -0.21
CA GLU D 109 -17.16 1.50 -0.68
C GLU D 109 -17.72 0.83 -1.92
N TRP D 110 -18.29 -0.37 -1.73
CA TRP D 110 -18.93 -1.11 -2.82
C TRP D 110 -20.13 -0.34 -3.34
N GLY D 111 -20.26 -0.23 -4.65
CA GLY D 111 -21.39 0.54 -5.15
C GLY D 111 -21.26 2.02 -4.88
N ASP D 112 -20.04 2.54 -5.06
CA ASP D 112 -19.74 3.95 -4.92
C ASP D 112 -20.50 4.78 -5.94
N TYR D 113 -20.59 4.30 -7.19
CA TYR D 113 -21.42 4.91 -8.21
C TYR D 113 -22.17 3.81 -8.95
N TRP D 114 -23.39 4.10 -9.38
CA TRP D 114 -24.17 3.09 -10.03
C TRP D 114 -24.57 3.56 -11.42
N GLY D 115 -24.91 2.63 -12.27
CA GLY D 115 -25.38 2.97 -13.59
C GLY D 115 -26.77 3.58 -13.57
N GLN D 116 -27.23 4.01 -14.74
CA GLN D 116 -28.56 4.60 -14.85
C GLN D 116 -29.69 3.57 -14.75
N GLY D 117 -29.40 2.30 -15.10
CA GLY D 117 -30.42 1.30 -15.32
C GLY D 117 -30.65 1.06 -16.81
N THR D 118 -30.75 -0.20 -17.25
CA THR D 118 -31.39 -0.55 -18.52
C THR D 118 -32.46 -1.61 -18.32
N LEU D 119 -33.55 -1.51 -19.05
CA LEU D 119 -34.66 -2.44 -18.87
C LEU D 119 -34.51 -3.61 -19.82
N VAL D 120 -34.55 -4.83 -19.29
CA VAL D 120 -34.56 -6.03 -20.10
C VAL D 120 -35.86 -6.76 -19.81
N THR D 121 -36.76 -6.75 -20.80
CA THR D 121 -38.06 -7.44 -20.72
C THR D 121 -37.94 -8.76 -21.48
N VAL D 122 -38.29 -9.88 -20.83
CA VAL D 122 -38.27 -11.19 -21.46
C VAL D 122 -39.69 -11.73 -21.43
N SER D 123 -40.40 -11.60 -22.55
CA SER D 123 -41.74 -12.14 -22.73
C SER D 123 -41.99 -12.43 -24.20
N SER D 124 -42.92 -13.35 -24.47
CA SER D 124 -43.25 -13.75 -25.84
C SER D 124 -44.06 -12.70 -26.57
N ALA D 125 -44.84 -11.91 -25.83
CA ALA D 125 -45.78 -10.90 -26.34
C ALA D 125 -45.10 -9.86 -27.20
N SER D 126 -45.59 -9.70 -28.42
CA SER D 126 -44.91 -8.84 -29.37
C SER D 126 -45.31 -7.40 -29.11
N THR D 127 -44.45 -6.49 -29.57
CA THR D 127 -44.55 -5.10 -29.19
C THR D 127 -45.77 -4.46 -29.87
N LYS D 128 -46.69 -3.98 -29.04
CA LYS D 128 -47.98 -3.46 -29.45
C LYS D 128 -48.13 -2.05 -28.90
N GLY D 129 -48.78 -1.19 -29.69
CA GLY D 129 -49.05 0.16 -29.31
C GLY D 129 -50.34 0.22 -28.52
N PRO D 130 -50.54 1.28 -27.74
CA PRO D 130 -51.70 1.38 -26.85
C PRO D 130 -53.00 1.81 -27.55
N SER D 131 -54.09 1.67 -26.80
CA SER D 131 -55.42 2.16 -27.15
C SER D 131 -55.87 3.10 -26.03
N VAL D 132 -56.33 4.30 -26.38
CA VAL D 132 -56.64 5.34 -25.39
C VAL D 132 -58.14 5.62 -25.40
N PHE D 133 -58.80 5.37 -24.26
CA PHE D 133 -60.23 5.55 -24.14
C PHE D 133 -60.55 6.52 -23.02
N PRO D 134 -61.37 7.53 -23.25
CA PRO D 134 -61.53 8.60 -22.27
C PRO D 134 -62.52 8.26 -21.15
N LEU D 135 -62.24 8.82 -19.98
CA LEU D 135 -63.06 8.70 -18.76
C LEU D 135 -63.54 10.10 -18.41
N ALA D 136 -64.83 10.31 -18.53
CA ALA D 136 -65.35 11.65 -18.64
C ALA D 136 -65.80 12.19 -17.28
N PRO D 137 -65.72 13.50 -17.05
CA PRO D 137 -66.14 14.06 -15.76
C PRO D 137 -67.62 14.46 -15.67
N SER D 138 -68.47 14.01 -16.61
CA SER D 138 -69.87 14.44 -16.64
C SER D 138 -70.66 13.95 -15.43
N SER D 139 -70.31 12.80 -14.89
CA SER D 139 -70.92 12.34 -13.64
C SER D 139 -70.51 13.24 -12.49
N LYS D 140 -69.28 13.76 -12.52
CA LYS D 140 -68.80 14.64 -11.48
C LYS D 140 -69.16 16.09 -11.86
N SER D 141 -70.43 16.40 -11.67
CA SER D 141 -70.98 17.73 -11.88
C SER D 141 -71.18 18.49 -10.58
N THR D 142 -70.44 18.13 -9.52
CA THR D 142 -70.62 18.75 -8.21
C THR D 142 -70.03 20.16 -8.18
N SER D 143 -70.78 21.09 -7.60
CA SER D 143 -70.41 22.49 -7.45
C SER D 143 -69.24 22.64 -6.46
N GLY D 144 -68.62 23.81 -6.49
CA GLY D 144 -67.43 24.03 -5.69
C GLY D 144 -66.13 23.60 -6.34
N GLY D 145 -66.13 23.33 -7.65
CA GLY D 145 -64.85 23.20 -8.32
C GLY D 145 -64.16 21.87 -8.11
N THR D 146 -64.91 20.79 -7.96
CA THR D 146 -64.34 19.47 -7.72
C THR D 146 -64.72 18.57 -8.89
N ALA D 147 -63.82 18.40 -9.85
CA ALA D 147 -64.10 17.50 -10.96
C ALA D 147 -62.85 16.69 -11.26
N ALA D 148 -63.04 15.42 -11.65
CA ALA D 148 -61.91 14.57 -12.02
C ALA D 148 -62.18 13.97 -13.39
N LEU D 149 -61.17 13.95 -14.24
CA LEU D 149 -61.36 13.37 -15.56
C LEU D 149 -60.06 12.62 -15.90
N GLY D 150 -60.10 11.84 -16.97
CA GLY D 150 -58.90 11.08 -17.30
C GLY D 150 -59.03 10.34 -18.61
N CYS D 151 -57.96 9.65 -18.94
CA CYS D 151 -57.94 8.80 -20.11
C CYS D 151 -57.18 7.53 -19.79
N LEU D 152 -57.62 6.42 -20.40
CA LEU D 152 -57.17 5.07 -20.10
C LEU D 152 -56.31 4.54 -21.24
N VAL D 153 -55.08 4.14 -20.90
CA VAL D 153 -54.13 3.57 -21.82
C VAL D 153 -54.18 2.06 -21.64
N LYS D 154 -54.61 1.35 -22.67
CA LYS D 154 -54.82 -0.08 -22.53
C LYS D 154 -54.10 -0.85 -23.65
N ASP D 155 -53.64 -2.05 -23.30
CA ASP D 155 -53.18 -3.12 -24.20
C ASP D 155 -51.98 -2.73 -25.07
N TYR D 156 -50.90 -2.31 -24.39
CA TYR D 156 -49.61 -1.98 -25.01
C TYR D 156 -48.50 -2.86 -24.43
N PHE D 157 -47.46 -3.09 -25.23
CA PHE D 157 -46.30 -3.86 -24.78
C PHE D 157 -45.10 -3.41 -25.60
N PRO D 158 -43.88 -3.39 -25.01
CA PRO D 158 -43.51 -3.44 -23.58
C PRO D 158 -43.53 -2.08 -22.94
N GLU D 159 -43.11 -1.95 -21.69
CA GLU D 159 -43.05 -0.64 -21.13
C GLU D 159 -41.83 0.11 -21.67
N PRO D 160 -41.82 1.48 -21.58
CA PRO D 160 -42.64 2.59 -21.02
C PRO D 160 -43.51 3.43 -21.96
N VAL D 161 -44.24 4.37 -21.35
CA VAL D 161 -45.10 5.34 -22.02
C VAL D 161 -44.94 6.68 -21.32
N THR D 162 -45.36 7.74 -22.01
CA THR D 162 -45.44 9.08 -21.45
C THR D 162 -46.84 9.62 -21.74
N VAL D 163 -47.51 10.08 -20.71
CA VAL D 163 -48.85 10.68 -20.81
C VAL D 163 -48.71 12.12 -20.33
N SER D 164 -48.95 13.09 -21.22
CA SER D 164 -48.85 14.51 -20.89
C SER D 164 -50.18 15.18 -21.19
N TRP D 165 -50.47 16.27 -20.48
CA TRP D 165 -51.76 16.97 -20.56
C TRP D 165 -51.63 18.38 -21.13
N ASN D 166 -52.46 18.68 -22.14
CA ASN D 166 -52.53 19.95 -22.89
C ASN D 166 -51.18 20.26 -23.54
N SER D 167 -50.53 19.20 -24.07
CA SER D 167 -49.15 19.21 -24.59
C SER D 167 -48.17 19.73 -23.56
N GLY D 168 -48.40 19.42 -22.28
CA GLY D 168 -47.54 19.83 -21.20
C GLY D 168 -47.98 21.00 -20.33
N ALA D 169 -49.12 21.63 -20.58
CA ALA D 169 -49.49 22.82 -19.81
C ALA D 169 -50.41 22.56 -18.61
N LEU D 170 -50.64 21.30 -18.23
CA LEU D 170 -51.43 20.98 -17.01
C LEU D 170 -50.67 19.94 -16.18
N THR D 171 -49.88 20.41 -15.21
CA THR D 171 -49.14 19.50 -14.37
C THR D 171 -49.71 19.40 -12.97
N SER D 172 -50.67 20.25 -12.60
CA SER D 172 -51.05 20.41 -11.20
C SER D 172 -52.33 19.66 -10.89
N GLY D 173 -52.27 18.81 -9.86
CA GLY D 173 -53.41 18.00 -9.57
C GLY D 173 -53.53 16.83 -10.52
N VAL D 174 -52.41 16.41 -11.13
CA VAL D 174 -52.39 15.34 -12.11
C VAL D 174 -51.79 14.12 -11.43
N HIS D 175 -52.45 12.97 -11.55
CA HIS D 175 -52.00 11.70 -11.00
C HIS D 175 -51.93 10.67 -12.13
N THR D 176 -50.72 10.24 -12.46
CA THR D 176 -50.52 9.14 -13.39
C THR D 176 -50.09 7.94 -12.57
N PHE D 177 -50.91 6.94 -12.61
CA PHE D 177 -50.83 5.70 -11.86
C PHE D 177 -49.87 4.76 -12.54
N PRO D 178 -49.19 3.91 -11.78
CA PRO D 178 -48.28 2.94 -12.39
C PRO D 178 -49.04 1.89 -13.17
N ALA D 179 -48.38 1.40 -14.24
CA ALA D 179 -48.98 0.39 -15.10
C ALA D 179 -49.08 -0.94 -14.35
N VAL D 180 -50.06 -1.75 -14.72
CA VAL D 180 -50.24 -3.06 -14.10
C VAL D 180 -50.30 -4.11 -15.19
N LEU D 181 -49.79 -5.30 -14.89
CA LEU D 181 -49.77 -6.36 -15.88
C LEU D 181 -51.09 -7.12 -15.79
N GLN D 182 -51.69 -7.32 -16.96
CA GLN D 182 -52.94 -8.02 -17.14
C GLN D 182 -52.71 -9.52 -17.31
N SER D 183 -53.81 -10.29 -17.38
CA SER D 183 -53.71 -11.73 -17.63
C SER D 183 -53.26 -12.01 -19.06
N SER D 184 -53.50 -11.08 -19.99
CA SER D 184 -53.01 -11.18 -21.36
C SER D 184 -51.49 -11.02 -21.43
N GLY D 185 -50.88 -10.33 -20.48
CA GLY D 185 -49.48 -10.03 -20.56
C GLY D 185 -49.17 -8.67 -21.15
N LEU D 186 -50.19 -7.88 -21.49
CA LEU D 186 -50.02 -6.53 -22.00
C LEU D 186 -50.17 -5.59 -20.81
N TYR D 187 -50.30 -4.29 -21.03
CA TYR D 187 -50.27 -3.36 -19.91
C TYR D 187 -51.44 -2.38 -19.96
N SER D 188 -51.83 -1.87 -18.79
CA SER D 188 -52.87 -0.85 -18.72
C SER D 188 -52.55 0.11 -17.59
N LEU D 189 -52.79 1.40 -17.84
CA LEU D 189 -52.73 2.42 -16.80
C LEU D 189 -53.74 3.50 -17.17
N SER D 190 -53.92 4.46 -16.28
CA SER D 190 -54.81 5.56 -16.54
C SER D 190 -54.22 6.83 -15.96
N SER D 191 -54.63 7.97 -16.51
CA SER D 191 -54.19 9.27 -16.01
C SER D 191 -55.44 10.04 -15.64
N VAL D 192 -55.37 10.74 -14.48
CA VAL D 192 -56.49 11.51 -13.95
C VAL D 192 -55.98 12.90 -13.55
N VAL D 193 -56.89 13.86 -13.60
CA VAL D 193 -56.61 15.22 -13.15
C VAL D 193 -57.84 15.76 -12.44
N THR D 194 -57.63 16.49 -11.35
CA THR D 194 -58.69 17.24 -10.70
C THR D 194 -58.62 18.67 -11.18
N VAL D 195 -59.74 19.16 -11.70
CA VAL D 195 -59.88 20.51 -12.20
C VAL D 195 -61.08 21.10 -11.49
N PRO D 196 -61.22 22.43 -11.50
CA PRO D 196 -62.52 23.00 -11.17
C PRO D 196 -63.56 22.62 -12.21
N SER D 197 -64.76 22.31 -11.71
CA SER D 197 -65.84 21.75 -12.51
C SER D 197 -66.50 22.79 -13.40
N SER D 198 -66.23 24.07 -13.18
CA SER D 198 -66.72 25.13 -14.05
C SER D 198 -65.92 25.28 -15.33
N SER D 199 -64.83 24.54 -15.48
CA SER D 199 -63.95 24.71 -16.63
C SER D 199 -64.17 23.63 -17.68
N LEU D 200 -65.33 22.96 -17.67
CA LEU D 200 -65.51 21.78 -18.50
C LEU D 200 -65.94 22.10 -19.92
N GLY D 201 -66.53 23.27 -20.16
CA GLY D 201 -66.91 23.63 -21.51
C GLY D 201 -65.85 24.45 -22.22
N THR D 202 -65.43 25.53 -21.56
CA THR D 202 -64.52 26.50 -22.18
C THR D 202 -63.11 25.94 -22.29
N GLN D 203 -62.58 25.35 -21.22
CA GLN D 203 -61.27 24.70 -21.27
C GLN D 203 -61.46 23.26 -21.74
N THR D 204 -60.63 22.84 -22.69
CA THR D 204 -60.72 21.51 -23.28
C THR D 204 -59.37 20.83 -23.11
N TYR D 205 -59.40 19.48 -22.97
CA TYR D 205 -58.30 18.69 -22.43
C TYR D 205 -57.83 17.60 -23.40
N ILE D 206 -56.51 17.67 -23.79
CA ILE D 206 -55.84 16.71 -24.68
C ILE D 206 -55.09 15.73 -23.81
N CYS D 207 -55.16 14.48 -24.19
CA CYS D 207 -54.41 13.36 -23.62
C CYS D 207 -53.33 12.96 -24.62
N ASN D 208 -52.11 13.48 -24.48
CA ASN D 208 -51.06 13.22 -25.45
C ASN D 208 -50.28 12.06 -24.91
N VAL D 209 -50.19 10.98 -25.68
CA VAL D 209 -49.51 9.77 -25.25
C VAL D 209 -48.45 9.44 -26.28
N ASN D 210 -47.23 9.21 -25.80
CA ASN D 210 -46.16 8.66 -26.63
C ASN D 210 -45.73 7.33 -26.03
N HIS D 211 -45.75 6.29 -26.86
CA HIS D 211 -45.21 4.98 -26.55
C HIS D 211 -44.02 4.82 -27.47
N LYS D 212 -42.84 4.86 -26.90
CA LYS D 212 -41.60 4.79 -27.68
C LYS D 212 -41.35 3.48 -28.42
N PRO D 213 -41.84 2.30 -28.00
CA PRO D 213 -41.89 1.18 -28.96
C PRO D 213 -42.91 1.40 -30.07
N SER D 214 -42.47 1.13 -31.31
CA SER D 214 -43.24 1.23 -32.58
C SER D 214 -43.66 2.65 -32.96
N ASN D 215 -43.09 3.67 -32.28
CA ASN D 215 -43.24 5.11 -32.58
C ASN D 215 -44.70 5.57 -32.52
N THR D 216 -45.37 5.29 -31.40
CA THR D 216 -46.83 5.42 -31.34
C THR D 216 -47.18 6.68 -30.55
N LYS D 217 -47.70 7.68 -31.24
CA LYS D 217 -48.14 8.90 -30.59
C LYS D 217 -49.62 9.07 -30.89
N VAL D 218 -50.42 9.10 -29.83
CA VAL D 218 -51.86 9.30 -29.97
C VAL D 218 -52.26 10.43 -29.03
N ASP D 219 -52.92 11.45 -29.58
CA ASP D 219 -53.45 12.56 -28.79
C ASP D 219 -54.97 12.44 -28.88
N LYS D 220 -55.64 12.29 -27.73
CA LYS D 220 -57.08 12.08 -27.71
C LYS D 220 -57.75 13.10 -26.79
N LYS D 221 -58.84 13.72 -27.28
CA LYS D 221 -59.57 14.76 -26.54
C LYS D 221 -60.55 14.13 -25.56
N VAL D 222 -60.65 14.67 -24.35
CA VAL D 222 -61.52 14.10 -23.33
C VAL D 222 -62.69 15.06 -23.14
N GLU D 223 -63.90 14.59 -23.51
CA GLU D 223 -65.15 15.34 -23.60
C GLU D 223 -66.25 14.75 -22.71
N PRO D 224 -67.11 15.60 -22.14
CA PRO D 224 -68.17 15.11 -21.25
C PRO D 224 -69.32 14.45 -22.01
N LYS D 225 -70.05 13.60 -21.28
CA LYS D 225 -71.19 12.82 -21.77
C LYS D 225 -72.48 13.49 -21.32
N SER D 226 -73.62 12.82 -21.52
CA SER D 226 -74.92 13.48 -21.38
C SER D 226 -75.43 13.50 -19.94
N CYS D 227 -74.75 12.82 -19.00
CA CYS D 227 -75.22 12.67 -17.62
C CYS D 227 -74.09 12.18 -16.68
N GLU E 1 -25.83 -19.26 1.44
CA GLU E 1 -26.36 -17.92 1.24
C GLU E 1 -26.84 -17.28 2.57
N ILE E 2 -26.08 -16.28 3.05
CA ILE E 2 -26.53 -15.43 4.16
C ILE E 2 -27.76 -14.63 3.76
N VAL E 3 -28.88 -14.85 4.46
CA VAL E 3 -30.09 -14.08 4.20
C VAL E 3 -30.18 -12.95 5.22
N LEU E 4 -30.41 -11.74 4.69
CA LEU E 4 -30.45 -10.50 5.46
C LEU E 4 -31.88 -10.00 5.51
N THR E 5 -32.48 -10.00 6.69
CA THR E 5 -33.87 -9.55 6.81
C THR E 5 -33.91 -8.18 7.46
N GLN E 6 -34.73 -7.31 6.91
CA GLN E 6 -34.68 -5.92 7.26
C GLN E 6 -36.02 -5.48 7.87
N SER E 7 -35.97 -4.94 9.08
CA SER E 7 -37.19 -4.53 9.77
C SER E 7 -37.12 -3.09 10.24
N PRO E 8 -38.30 -2.42 10.31
CA PRO E 8 -39.67 -2.76 9.82
C PRO E 8 -39.86 -2.70 8.28
N VAL E 9 -40.89 -3.34 7.70
CA VAL E 9 -40.98 -3.41 6.25
C VAL E 9 -41.41 -2.07 5.67
N THR E 10 -42.18 -1.28 6.44
CA THR E 10 -42.60 0.09 6.13
C THR E 10 -42.61 0.88 7.43
N LEU E 11 -41.92 2.01 7.46
CA LEU E 11 -41.80 2.87 8.63
C LEU E 11 -42.41 4.24 8.34
N SER E 12 -43.33 4.69 9.20
CA SER E 12 -43.98 5.99 9.01
C SER E 12 -43.58 6.94 10.13
N LEU E 13 -43.12 8.15 9.75
CA LEU E 13 -42.42 9.04 10.66
C LEU E 13 -42.54 10.45 10.10
N SER E 14 -42.72 11.45 10.99
CA SER E 14 -42.77 12.86 10.62
C SER E 14 -41.34 13.37 10.47
N PRO E 15 -41.11 14.40 9.63
CA PRO E 15 -39.73 14.90 9.48
C PRO E 15 -39.21 15.65 10.72
N GLY E 16 -37.88 15.64 10.87
CA GLY E 16 -37.22 16.12 12.08
C GLY E 16 -37.11 15.13 13.22
N GLU E 17 -37.35 13.84 12.98
CA GLU E 17 -37.35 12.84 14.04
C GLU E 17 -36.18 11.88 13.81
N ARG E 18 -35.83 11.12 14.85
CA ARG E 18 -34.79 10.10 14.72
C ARG E 18 -35.40 8.86 14.08
N ALA E 19 -34.66 8.29 13.14
CA ALA E 19 -35.13 7.13 12.38
C ALA E 19 -34.10 5.99 12.44
N THR E 20 -34.48 4.87 13.06
CA THR E 20 -33.57 3.73 13.22
C THR E 20 -34.06 2.54 12.42
N LEU E 21 -33.14 1.95 11.69
CA LEU E 21 -33.43 0.92 10.70
C LEU E 21 -32.57 -0.29 11.03
N SER E 22 -33.18 -1.48 11.00
CA SER E 22 -32.55 -2.67 11.55
C SER E 22 -32.32 -3.69 10.46
N CYS E 23 -31.10 -4.23 10.40
CA CYS E 23 -30.71 -5.27 9.45
C CYS E 23 -30.14 -6.43 10.22
N ARG E 24 -30.74 -7.61 10.01
CA ARG E 24 -30.52 -8.80 10.81
C ARG E 24 -29.96 -9.89 9.93
N ALA E 25 -28.88 -10.52 10.38
CA ALA E 25 -28.15 -11.49 9.54
C ALA E 25 -28.39 -12.91 10.04
N SER E 26 -28.35 -13.84 9.09
CA SER E 26 -28.53 -15.25 9.40
C SER E 26 -27.39 -15.82 10.28
N LEU E 27 -26.12 -15.43 10.02
CA LEU E 27 -24.97 -16.09 10.63
C LEU E 27 -23.78 -15.14 10.90
N SER E 28 -24.01 -14.08 11.69
CA SER E 28 -23.01 -13.19 12.38
C SER E 28 -21.85 -12.74 11.49
N ILE E 29 -22.22 -12.05 10.43
CA ILE E 29 -21.24 -11.63 9.48
C ILE E 29 -20.42 -10.49 10.07
N SER E 30 -19.22 -10.34 9.56
CA SER E 30 -18.24 -9.50 10.23
C SER E 30 -18.22 -8.13 9.58
N SER E 31 -19.32 -7.37 9.82
CA SER E 31 -19.40 -5.90 9.69
C SER E 31 -19.03 -5.39 8.28
N SER E 32 -19.31 -6.23 7.27
CA SER E 32 -19.13 -5.89 5.87
C SER E 32 -20.32 -5.22 5.26
N LEU E 33 -21.24 -4.77 6.08
CA LEU E 33 -22.55 -4.37 5.62
C LEU E 33 -22.47 -2.99 5.00
N ALA E 34 -23.12 -2.83 3.87
CA ALA E 34 -23.35 -1.53 3.26
C ALA E 34 -24.83 -1.17 3.35
N TRP E 35 -25.10 0.13 3.33
CA TRP E 35 -26.43 0.71 3.45
C TRP E 35 -26.65 1.64 2.29
N TYR E 36 -27.73 1.39 1.53
CA TYR E 36 -28.08 2.10 0.30
C TYR E 36 -29.46 2.76 0.36
N GLN E 37 -29.56 3.96 -0.21
CA GLN E 37 -30.83 4.64 -0.43
C GLN E 37 -31.23 4.41 -1.88
N GLN E 38 -32.53 4.25 -2.12
CA GLN E 38 -33.09 4.24 -3.47
C GLN E 38 -34.41 4.98 -3.44
N LYS E 39 -34.56 5.95 -4.34
CA LYS E 39 -35.75 6.75 -4.55
C LYS E 39 -36.52 6.13 -5.72
N PRO E 40 -37.79 6.51 -5.99
CA PRO E 40 -38.59 5.83 -7.02
C PRO E 40 -38.12 6.01 -8.46
N GLY E 41 -37.71 4.88 -9.06
CA GLY E 41 -37.20 4.83 -10.40
C GLY E 41 -35.89 5.58 -10.49
N GLN E 42 -34.89 5.13 -9.75
CA GLN E 42 -33.65 5.86 -9.72
C GLN E 42 -32.55 4.87 -9.35
N ALA E 43 -31.30 5.25 -9.61
CA ALA E 43 -30.17 4.42 -9.23
C ALA E 43 -30.02 4.39 -7.71
N PRO E 44 -29.55 3.28 -7.12
CA PRO E 44 -29.20 3.27 -5.68
C PRO E 44 -28.06 4.19 -5.33
N ARG E 45 -27.94 4.53 -4.05
CA ARG E 45 -26.94 5.49 -3.62
C ARG E 45 -26.29 5.00 -2.34
N LEU E 46 -24.95 4.96 -2.26
CA LEU E 46 -24.32 4.44 -1.05
C LEU E 46 -24.30 5.48 0.06
N LEU E 47 -24.81 5.07 1.23
CA LEU E 47 -24.80 5.88 2.43
C LEU E 47 -23.68 5.51 3.41
N ILE E 48 -23.68 4.25 3.86
CA ILE E 48 -22.71 3.77 4.87
C ILE E 48 -22.01 2.52 4.36
N TYR E 49 -20.71 2.54 4.31
CA TYR E 49 -19.94 1.39 3.91
C TYR E 49 -19.20 0.89 5.12
N ASP E 50 -18.86 -0.41 5.12
CA ASP E 50 -18.16 -1.11 6.21
C ASP E 50 -18.89 -1.01 7.55
N ALA E 51 -20.22 -0.92 7.49
CA ALA E 51 -21.20 -0.89 8.59
C ALA E 51 -21.16 0.35 9.50
N SER E 52 -20.07 1.14 9.53
CA SER E 52 -20.01 2.30 10.38
C SER E 52 -19.35 3.53 9.76
N ASN E 53 -18.71 3.42 8.60
CA ASN E 53 -18.11 4.58 7.89
C ASN E 53 -19.08 5.16 6.87
N ARG E 54 -19.44 6.44 7.02
CA ARG E 54 -20.31 7.06 6.02
C ARG E 54 -19.54 7.47 4.76
N ALA E 55 -20.26 7.53 3.64
CA ALA E 55 -19.64 7.79 2.35
C ALA E 55 -19.39 9.29 2.18
N THR E 56 -18.64 9.64 1.13
CA THR E 56 -18.22 11.02 0.94
C THR E 56 -19.39 11.79 0.34
N GLY E 57 -19.82 12.85 1.01
CA GLY E 57 -20.93 13.64 0.54
C GLY E 57 -22.28 13.16 1.00
N ILE E 58 -22.32 12.21 1.91
CA ILE E 58 -23.56 11.78 2.55
C ILE E 58 -23.60 12.62 3.81
N PRO E 59 -24.74 13.22 4.19
CA PRO E 59 -24.83 14.10 5.37
C PRO E 59 -24.44 13.45 6.71
N ALA E 60 -24.28 14.31 7.72
CA ALA E 60 -23.75 13.84 9.00
C ALA E 60 -24.83 13.27 9.91
N ARG E 61 -26.09 13.38 9.48
CA ARG E 61 -27.20 12.80 10.22
C ARG E 61 -27.29 11.31 10.02
N PHE E 62 -26.76 10.80 8.89
CA PHE E 62 -26.71 9.37 8.59
C PHE E 62 -25.52 8.76 9.32
N SER E 63 -25.79 7.78 10.19
CA SER E 63 -24.77 7.17 11.01
C SER E 63 -25.06 5.68 11.10
N GLY E 64 -24.16 4.86 10.55
CA GLY E 64 -24.29 3.41 10.67
C GLY E 64 -23.65 2.87 11.93
N SER E 65 -24.17 1.73 12.41
CA SER E 65 -23.72 1.14 13.68
C SER E 65 -24.06 -0.34 13.73
N GLY E 66 -23.44 -1.06 14.66
CA GLY E 66 -23.81 -2.42 14.95
C GLY E 66 -22.68 -3.40 14.69
N SER E 67 -22.99 -4.69 14.92
CA SER E 67 -22.01 -5.78 14.88
C SER E 67 -22.73 -7.11 14.75
N GLY E 68 -22.01 -8.10 14.21
CA GLY E 68 -22.45 -9.48 14.24
C GLY E 68 -23.68 -9.82 13.44
N THR E 69 -24.78 -10.04 14.14
CA THR E 69 -26.11 -10.18 13.56
C THR E 69 -26.83 -8.85 13.36
N ASP E 70 -26.79 -7.95 14.35
CA ASP E 70 -27.65 -6.78 14.37
C ASP E 70 -26.89 -5.53 13.96
N PHE E 71 -27.34 -4.93 12.87
CA PHE E 71 -26.80 -3.68 12.39
C PHE E 71 -27.93 -2.68 12.28
N THR E 72 -27.59 -1.40 12.30
CA THR E 72 -28.58 -0.35 12.46
C THR E 72 -28.10 0.90 11.75
N LEU E 73 -28.89 1.38 10.81
CA LEU E 73 -28.72 2.71 10.23
C LEU E 73 -29.55 3.70 11.03
N THR E 74 -28.94 4.80 11.50
CA THR E 74 -29.67 5.84 12.23
C THR E 74 -29.58 7.17 11.48
N ILE E 75 -30.74 7.73 11.14
CA ILE E 75 -30.83 9.00 10.47
C ILE E 75 -31.31 9.97 11.54
N SER E 76 -30.43 10.87 11.99
CA SER E 76 -30.61 11.45 13.32
C SER E 76 -31.73 12.49 13.36
N SER E 77 -31.96 13.22 12.26
CA SER E 77 -33.10 14.14 12.16
C SER E 77 -33.58 14.23 10.71
N LEU E 78 -34.78 13.72 10.44
CA LEU E 78 -35.32 13.56 9.09
C LEU E 78 -35.53 14.90 8.39
N GLU E 79 -35.40 14.86 7.07
CA GLU E 79 -35.64 15.91 6.09
C GLU E 79 -36.54 15.32 5.01
N PRO E 80 -37.22 16.15 4.20
CA PRO E 80 -38.08 15.58 3.14
C PRO E 80 -37.37 14.77 2.09
N GLU E 81 -36.10 15.10 1.82
CA GLU E 81 -35.24 14.38 0.91
C GLU E 81 -34.77 13.04 1.46
N ASP E 82 -35.00 12.75 2.75
CA ASP E 82 -34.67 11.48 3.36
C ASP E 82 -35.71 10.42 3.16
N PHE E 83 -36.84 10.70 2.53
CA PHE E 83 -37.91 9.74 2.50
C PHE E 83 -37.81 8.94 1.20
N ALA E 84 -37.50 7.65 1.35
CA ALA E 84 -37.08 6.74 0.27
C ALA E 84 -37.04 5.33 0.84
N VAL E 85 -36.68 4.37 -0.04
CA VAL E 85 -36.53 2.95 0.30
C VAL E 85 -35.05 2.67 0.60
N TYR E 86 -34.78 1.78 1.57
CA TYR E 86 -33.43 1.55 2.10
C TYR E 86 -33.04 0.08 2.07
N TYR E 87 -31.76 -0.22 1.77
CA TYR E 87 -31.27 -1.59 1.60
C TYR E 87 -29.93 -1.84 2.27
N CYS E 88 -29.83 -2.91 3.05
CA CYS E 88 -28.54 -3.39 3.50
C CYS E 88 -28.00 -4.49 2.60
N GLN E 89 -26.69 -4.69 2.64
CA GLN E 89 -26.03 -5.68 1.81
C GLN E 89 -24.78 -6.22 2.48
N GLN E 90 -24.63 -7.55 2.58
CA GLN E 90 -23.41 -8.10 3.14
C GLN E 90 -22.45 -8.61 2.07
N ARG E 91 -21.17 -8.59 2.42
CA ARG E 91 -20.12 -9.15 1.57
C ARG E 91 -19.13 -9.89 2.46
N SER E 92 -19.57 -10.37 3.63
CA SER E 92 -18.68 -11.15 4.48
C SER E 92 -18.54 -12.58 4.03
N ILE E 93 -19.63 -13.22 3.63
CA ILE E 93 -19.62 -14.59 3.11
C ILE E 93 -20.21 -14.56 1.70
N TRP E 94 -19.37 -14.79 0.70
CA TRP E 94 -19.77 -14.52 -0.68
C TRP E 94 -18.81 -15.30 -1.58
N PRO E 95 -19.22 -15.60 -2.86
CA PRO E 95 -20.48 -15.47 -3.61
C PRO E 95 -21.57 -16.42 -3.14
N PRO E 96 -22.84 -15.95 -3.12
CA PRO E 96 -23.34 -14.67 -3.61
C PRO E 96 -23.32 -13.58 -2.57
N ILE E 97 -23.41 -12.34 -3.03
CA ILE E 97 -23.52 -11.21 -2.11
C ILE E 97 -25.00 -10.85 -2.06
N THR E 98 -25.49 -10.62 -0.88
CA THR E 98 -26.92 -10.66 -0.69
C THR E 98 -27.44 -9.33 -0.15
N PHE E 99 -28.69 -9.02 -0.47
CA PHE E 99 -29.31 -7.79 -0.03
C PHE E 99 -30.42 -8.08 0.97
N GLY E 100 -30.91 -6.99 1.59
CA GLY E 100 -32.17 -7.00 2.29
C GLY E 100 -33.32 -6.90 1.32
N GLN E 101 -34.52 -6.81 1.87
CA GLN E 101 -35.67 -6.67 1.00
C GLN E 101 -36.21 -5.27 0.97
N GLY E 102 -35.78 -4.42 1.87
CA GLY E 102 -36.24 -3.06 1.77
C GLY E 102 -37.07 -2.62 2.98
N THR E 103 -37.11 -1.30 3.18
CA THR E 103 -37.86 -0.59 4.21
C THR E 103 -38.25 0.75 3.59
N ARG E 104 -39.54 1.09 3.60
CA ARG E 104 -40.04 2.37 3.09
C ARG E 104 -40.01 3.45 4.16
N LEU E 105 -39.67 4.67 3.77
CA LEU E 105 -40.00 5.84 4.58
C LEU E 105 -41.02 6.68 3.85
N GLU E 106 -42.25 6.62 4.34
CA GLU E 106 -43.23 7.60 3.98
C GLU E 106 -43.12 8.79 4.92
N ILE E 107 -43.88 9.84 4.63
CA ILE E 107 -43.97 11.00 5.50
C ILE E 107 -45.22 10.82 6.36
N LYS E 108 -45.13 11.18 7.64
CA LYS E 108 -46.31 11.17 8.49
C LYS E 108 -47.07 12.49 8.30
N ARG E 109 -48.34 12.36 7.93
CA ARG E 109 -49.21 13.47 7.64
C ARG E 109 -50.33 13.36 8.65
N THR E 110 -51.02 14.48 8.86
CA THR E 110 -52.36 14.44 9.41
C THR E 110 -53.28 13.71 8.41
N VAL E 111 -54.21 12.89 8.94
CA VAL E 111 -54.97 11.90 8.17
C VAL E 111 -55.87 12.57 7.15
N ALA E 112 -55.80 12.12 5.89
CA ALA E 112 -56.52 12.74 4.79
C ALA E 112 -57.54 11.74 4.27
N ALA E 113 -58.81 12.17 4.16
CA ALA E 113 -59.87 11.31 3.65
C ALA E 113 -59.89 11.34 2.12
N PRO E 114 -60.10 10.20 1.46
CA PRO E 114 -60.00 10.13 -0.01
C PRO E 114 -61.13 10.86 -0.72
N SER E 115 -60.80 11.37 -1.89
CA SER E 115 -61.80 11.96 -2.78
C SER E 115 -62.14 10.85 -3.76
N VAL E 116 -63.40 10.42 -3.77
CA VAL E 116 -63.82 9.19 -4.41
C VAL E 116 -64.54 9.51 -5.70
N PHE E 117 -64.01 9.03 -6.82
CA PHE E 117 -64.62 9.25 -8.12
C PHE E 117 -64.84 7.92 -8.81
N ILE E 118 -65.99 7.78 -9.49
CA ILE E 118 -66.32 6.57 -10.26
C ILE E 118 -66.45 7.01 -11.72
N PHE E 119 -65.94 6.19 -12.63
CA PHE E 119 -65.85 6.54 -14.04
C PHE E 119 -66.40 5.45 -14.91
N PRO E 120 -67.41 5.77 -15.75
CA PRO E 120 -68.02 4.80 -16.65
C PRO E 120 -67.07 4.46 -17.80
N PRO E 121 -67.32 3.34 -18.47
CA PRO E 121 -66.57 3.07 -19.69
C PRO E 121 -67.01 4.01 -20.80
N SER E 122 -66.09 4.33 -21.70
CA SER E 122 -66.43 5.11 -22.87
C SER E 122 -67.17 4.22 -23.86
N ASP E 123 -67.96 4.87 -24.74
CA ASP E 123 -68.65 4.14 -25.79
C ASP E 123 -67.69 3.54 -26.82
N GLU E 124 -66.55 4.22 -27.10
CA GLU E 124 -65.53 3.67 -28.00
C GLU E 124 -64.88 2.44 -27.40
N GLN E 125 -64.74 2.44 -26.07
CA GLN E 125 -64.26 1.26 -25.35
C GLN E 125 -65.23 0.09 -25.50
N LEU E 126 -66.53 0.36 -25.45
CA LEU E 126 -67.54 -0.68 -25.67
C LEU E 126 -67.47 -1.23 -27.09
N LYS E 127 -67.21 -0.37 -28.07
CA LYS E 127 -67.08 -0.86 -29.44
C LYS E 127 -65.74 -1.56 -29.71
N SER E 128 -64.71 -1.38 -28.86
CA SER E 128 -63.52 -2.19 -29.05
C SER E 128 -63.70 -3.62 -28.53
N GLY E 129 -64.74 -3.85 -27.72
CA GLY E 129 -65.11 -5.14 -27.16
C GLY E 129 -64.71 -5.51 -25.74
N THR E 130 -64.33 -4.55 -24.89
CA THR E 130 -63.93 -4.76 -23.50
C THR E 130 -64.45 -3.58 -22.68
N ALA E 131 -64.67 -3.75 -21.36
CA ALA E 131 -65.26 -2.67 -20.56
C ALA E 131 -64.58 -2.52 -19.20
N SER E 132 -63.91 -1.39 -18.99
CA SER E 132 -63.27 -1.12 -17.70
C SER E 132 -63.99 0.01 -16.97
N VAL E 133 -64.49 -0.28 -15.77
CA VAL E 133 -65.09 0.73 -14.90
C VAL E 133 -64.04 1.10 -13.88
N VAL E 134 -63.79 2.40 -13.68
CA VAL E 134 -62.64 2.84 -12.89
C VAL E 134 -63.11 3.50 -11.59
N CYS E 135 -62.45 3.15 -10.49
CA CYS E 135 -62.64 3.85 -9.22
C CYS E 135 -61.33 4.52 -8.81
N LEU E 136 -61.41 5.79 -8.47
CA LEU E 136 -60.27 6.64 -8.17
C LEU E 136 -60.41 7.15 -6.75
N LEU E 137 -59.33 7.07 -6.00
CA LEU E 137 -59.25 7.64 -4.66
C LEU E 137 -58.11 8.63 -4.71
N ASN E 138 -58.38 9.88 -4.40
CA ASN E 138 -57.36 10.90 -4.54
C ASN E 138 -57.00 11.51 -3.21
N ASN E 139 -55.68 11.70 -3.04
CA ASN E 139 -55.09 12.60 -2.06
C ASN E 139 -55.45 12.23 -0.61
N PHE E 140 -55.18 10.97 -0.29
CA PHE E 140 -55.51 10.38 1.00
C PHE E 140 -54.27 9.88 1.72
N TYR E 141 -54.31 9.98 3.05
CA TYR E 141 -53.30 9.46 3.94
C TYR E 141 -53.99 8.77 5.11
N PRO E 142 -53.59 7.52 5.47
CA PRO E 142 -52.47 6.68 5.01
C PRO E 142 -52.71 5.83 3.73
N ARG E 143 -51.69 5.03 3.33
CA ARG E 143 -51.67 4.30 2.06
C ARG E 143 -52.72 3.18 1.98
N GLU E 144 -53.20 2.71 3.12
CA GLU E 144 -54.05 1.53 3.21
C GLU E 144 -55.50 1.94 3.05
N ALA E 145 -56.13 1.48 1.98
CA ALA E 145 -57.52 1.78 1.70
C ALA E 145 -58.16 0.56 1.06
N LYS E 146 -59.35 0.21 1.55
CA LYS E 146 -60.07 -0.95 1.07
C LYS E 146 -61.11 -0.53 0.04
N VAL E 147 -61.08 -1.18 -1.12
CA VAL E 147 -61.96 -0.89 -2.25
C VAL E 147 -62.72 -2.16 -2.60
N GLN E 148 -64.05 -2.05 -2.67
CA GLN E 148 -64.86 -3.20 -3.06
C GLN E 148 -65.78 -2.79 -4.18
N TRP E 149 -65.86 -3.62 -5.21
CA TRP E 149 -66.77 -3.40 -6.33
C TRP E 149 -68.05 -4.16 -6.08
N LYS E 150 -69.17 -3.47 -6.22
CA LYS E 150 -70.49 -4.06 -6.06
C LYS E 150 -71.27 -3.89 -7.36
N VAL E 151 -71.82 -5.00 -7.86
CA VAL E 151 -72.56 -5.04 -9.11
C VAL E 151 -73.98 -5.50 -8.77
N ASP E 152 -74.95 -4.57 -8.84
CA ASP E 152 -76.36 -4.75 -8.43
C ASP E 152 -76.48 -5.24 -6.97
N ASN E 153 -75.75 -4.55 -6.07
CA ASN E 153 -75.61 -4.83 -4.63
C ASN E 153 -75.17 -6.27 -4.36
N ALA E 154 -74.05 -6.65 -4.94
CA ALA E 154 -73.55 -8.01 -4.83
C ALA E 154 -72.04 -7.99 -5.04
N LEU E 155 -71.28 -8.64 -4.16
CA LEU E 155 -69.83 -8.49 -4.19
C LEU E 155 -69.21 -9.35 -5.28
N GLN E 156 -68.33 -8.74 -6.10
CA GLN E 156 -67.65 -9.43 -7.19
C GLN E 156 -66.15 -9.32 -6.98
N SER E 157 -65.44 -10.44 -7.16
CA SER E 157 -64.00 -10.51 -6.95
C SER E 157 -63.31 -10.90 -8.24
N GLY E 158 -62.00 -10.65 -8.29
CA GLY E 158 -61.15 -11.16 -9.35
C GLY E 158 -61.20 -10.45 -10.69
N ASN E 159 -62.11 -9.50 -10.87
CA ASN E 159 -62.13 -8.69 -12.07
C ASN E 159 -61.33 -7.41 -11.88
N SER E 160 -60.81 -7.17 -10.68
CA SER E 160 -60.24 -5.90 -10.32
C SER E 160 -58.73 -5.98 -10.23
N GLN E 161 -58.08 -4.92 -10.72
CA GLN E 161 -56.64 -4.70 -10.61
C GLN E 161 -56.41 -3.26 -10.17
N GLU E 162 -55.45 -3.02 -9.27
CA GLU E 162 -55.26 -1.68 -8.70
C GLU E 162 -53.79 -1.23 -8.77
N SER E 163 -53.56 0.07 -8.59
CA SER E 163 -52.21 0.65 -8.47
C SER E 163 -52.25 1.95 -7.66
N VAL E 164 -51.19 2.20 -6.90
CA VAL E 164 -51.08 3.36 -6.01
C VAL E 164 -49.86 4.17 -6.45
N THR E 165 -50.01 5.49 -6.48
CA THR E 165 -48.94 6.43 -6.77
C THR E 165 -47.89 6.50 -5.63
N GLU E 166 -46.87 7.30 -5.86
CA GLU E 166 -45.92 7.63 -4.82
C GLU E 166 -46.47 8.76 -3.98
N GLN E 167 -45.72 9.15 -2.95
CA GLN E 167 -46.17 10.23 -2.11
C GLN E 167 -45.92 11.57 -2.79
N ASP E 168 -46.84 12.51 -2.55
CA ASP E 168 -46.66 13.85 -3.07
C ASP E 168 -45.54 14.55 -2.30
N SER E 169 -44.86 15.48 -2.98
CA SER E 169 -43.74 16.15 -2.33
C SER E 169 -44.18 17.19 -1.31
N LYS E 170 -45.41 17.74 -1.45
CA LYS E 170 -45.98 18.67 -0.48
C LYS E 170 -47.31 18.25 0.13
N ASP E 171 -48.20 17.54 -0.59
CA ASP E 171 -49.42 17.07 0.07
C ASP E 171 -49.14 15.92 1.01
N SER E 172 -48.04 15.18 0.76
CA SER E 172 -47.62 13.97 1.48
C SER E 172 -48.72 12.91 1.50
N THR E 173 -49.52 12.87 0.42
CA THR E 173 -50.64 11.96 0.28
C THR E 173 -50.41 11.02 -0.89
N TYR E 174 -51.36 10.11 -1.07
CA TYR E 174 -51.28 9.08 -2.08
C TYR E 174 -52.53 9.11 -2.94
N SER E 175 -52.55 8.33 -4.01
CA SER E 175 -53.76 8.16 -4.81
C SER E 175 -53.86 6.71 -5.22
N LEU E 176 -55.08 6.25 -5.49
CA LEU E 176 -55.37 4.85 -5.74
C LEU E 176 -56.28 4.69 -6.95
N SER E 177 -55.96 3.71 -7.81
CA SER E 177 -56.68 3.38 -9.03
C SER E 177 -57.13 1.93 -9.00
N SER E 178 -58.43 1.65 -9.14
CA SER E 178 -58.93 0.28 -9.22
C SER E 178 -59.80 0.10 -10.47
N THR E 179 -59.40 -0.87 -11.30
CA THR E 179 -60.00 -1.15 -12.59
C THR E 179 -60.80 -2.45 -12.50
N LEU E 180 -62.11 -2.38 -12.80
CA LEU E 180 -62.99 -3.54 -12.98
C LEU E 180 -63.05 -3.86 -14.47
N THR E 181 -62.42 -4.97 -14.86
CA THR E 181 -62.34 -5.40 -16.25
C THR E 181 -63.40 -6.47 -16.52
N LEU E 182 -64.26 -6.21 -17.50
CA LEU E 182 -65.32 -7.14 -17.89
C LEU E 182 -65.40 -7.15 -19.42
N SER E 183 -66.26 -8.01 -19.97
CA SER E 183 -66.60 -7.98 -21.38
C SER E 183 -67.91 -7.26 -21.62
N LYS E 184 -68.22 -6.99 -22.90
CA LYS E 184 -69.43 -6.23 -23.26
C LYS E 184 -70.65 -7.11 -23.14
N ALA E 185 -70.44 -8.41 -23.39
CA ALA E 185 -71.48 -9.39 -23.20
C ALA E 185 -71.81 -9.54 -21.72
N ASP E 186 -70.84 -9.30 -20.83
CA ASP E 186 -71.14 -9.29 -19.39
C ASP E 186 -71.53 -7.92 -18.86
N TYR E 187 -71.16 -6.85 -19.55
CA TYR E 187 -71.44 -5.51 -19.03
C TYR E 187 -72.87 -5.09 -19.31
N GLU E 188 -73.33 -5.33 -20.55
CA GLU E 188 -74.65 -4.88 -21.00
C GLU E 188 -75.79 -5.69 -20.40
N LYS E 189 -75.49 -6.78 -19.68
CA LYS E 189 -76.44 -7.59 -18.94
C LYS E 189 -76.54 -7.20 -17.46
N HIS E 190 -76.36 -5.93 -17.10
CA HIS E 190 -76.50 -5.49 -15.70
C HIS E 190 -77.06 -4.07 -15.69
N LYS E 191 -77.32 -3.56 -14.48
CA LYS E 191 -77.79 -2.17 -14.33
C LYS E 191 -76.85 -1.26 -13.55
N VAL E 192 -76.56 -1.52 -12.29
CA VAL E 192 -75.97 -0.52 -11.40
C VAL E 192 -74.60 -1.00 -10.91
N TYR E 193 -73.58 -0.15 -11.02
CA TYR E 193 -72.23 -0.51 -10.60
C TYR E 193 -71.77 0.46 -9.51
N ALA E 194 -71.05 -0.04 -8.50
CA ALA E 194 -70.72 0.83 -7.38
C ALA E 194 -69.33 0.55 -6.79
N CYS E 195 -68.81 1.61 -6.15
CA CYS E 195 -67.53 1.64 -5.45
C CYS E 195 -67.77 1.80 -3.96
N GLU E 196 -67.14 0.94 -3.15
CA GLU E 196 -67.23 1.03 -1.69
C GLU E 196 -65.82 1.30 -1.20
N VAL E 197 -65.62 2.43 -0.51
CA VAL E 197 -64.31 2.83 0.00
C VAL E 197 -64.33 2.82 1.52
N THR E 198 -63.42 2.03 2.11
CA THR E 198 -63.21 1.96 3.55
C THR E 198 -61.84 2.54 3.87
N HIS E 199 -61.82 3.69 4.56
CA HIS E 199 -60.62 4.45 4.88
C HIS E 199 -60.81 5.15 6.21
N GLN E 200 -59.67 5.48 6.87
CA GLN E 200 -59.63 6.02 8.23
C GLN E 200 -60.23 7.42 8.34
N GLY E 201 -59.99 8.27 7.33
CA GLY E 201 -60.54 9.61 7.36
C GLY E 201 -62.01 9.67 6.99
N LEU E 202 -62.55 8.56 6.50
CA LEU E 202 -63.99 8.44 6.31
C LEU E 202 -64.60 7.92 7.61
N SER E 203 -65.78 8.45 7.95
CA SER E 203 -66.54 8.07 9.14
C SER E 203 -67.50 6.92 8.90
N SER E 204 -68.05 6.79 7.70
CA SER E 204 -68.80 5.63 7.23
C SER E 204 -68.38 5.40 5.79
N PRO E 205 -68.31 4.14 5.32
CA PRO E 205 -67.71 3.83 4.02
C PRO E 205 -68.48 4.40 2.83
N VAL E 206 -67.74 5.09 1.97
CA VAL E 206 -68.34 5.95 0.96
C VAL E 206 -68.61 5.14 -0.29
N THR E 207 -69.87 5.17 -0.72
CA THR E 207 -70.32 4.51 -1.94
C THR E 207 -70.50 5.54 -3.04
N LYS E 208 -69.96 5.24 -4.22
CA LYS E 208 -70.19 6.05 -5.42
C LYS E 208 -70.77 5.13 -6.49
N SER E 209 -71.91 5.52 -7.05
CA SER E 209 -72.73 4.64 -7.85
C SER E 209 -72.81 5.12 -9.29
N PHE E 210 -73.24 4.21 -10.15
CA PHE E 210 -73.35 4.52 -11.57
C PHE E 210 -74.49 3.69 -12.14
N ASN E 211 -75.38 4.34 -12.91
CA ASN E 211 -76.48 3.67 -13.59
C ASN E 211 -76.13 3.55 -15.06
N ARG E 212 -76.37 2.37 -15.64
CA ARG E 212 -75.92 2.07 -16.99
C ARG E 212 -76.81 2.75 -18.04
N GLY E 213 -76.19 3.14 -19.14
CA GLY E 213 -76.94 3.55 -20.33
C GLY E 213 -77.49 4.96 -20.30
N GLU E 214 -78.43 5.20 -19.38
CA GLU E 214 -79.04 6.50 -19.25
C GLU E 214 -78.10 7.52 -18.60
N CYS E 215 -77.29 7.09 -17.65
CA CYS E 215 -76.49 8.07 -16.93
C CYS E 215 -75.13 7.55 -16.42
#